data_7CX6
#
_entry.id   7CX6
#
_cell.length_a   58.560
_cell.length_b   146.113
_cell.length_c   64.624
_cell.angle_alpha   90.000
_cell.angle_beta   100.040
_cell.angle_gamma   90.000
#
_symmetry.space_group_name_H-M   'P 1 21 1'
#
loop_
_entity.id
_entity.type
_entity.pdbx_description
1 polymer 'Bifunctional cytochrome P450/NADPH--P450 reductase'
2 non-polymer 'PROTOPORPHYRIN IX CONTAINING FE'
3 non-polymer '(2~{S})-2-(5-cyclohexylpentanoylamino)-3-phenyl-propanoic acid'
4 non-polymer (1R)-1-phenylethanamine
5 non-polymer GLYCEROL
6 water water
#
_entity_poly.entity_id   1
_entity_poly.type   'polypeptide(L)'
_entity_poly.pdbx_seq_one_letter_code
;MTIKEMPQPKTFGELKNLPLLNTDKPVQALMKIADELGEIFKFEAPGRVTRYLSSQRLIKEACDESRFDKNLSQALKFVR
DFAGDGLFTSWTHEKNWKKAHNILLPSFSQQAMKGYHAMMVDIAVQLVQKWERLNADEHIEVPEDMTRLTLDTIGLCGFN
YRFNSFYRDQPHPFITSMVRALDEAMNKLQRANPDDPAYDENKRQFQEDIKVMNDLVDKIIADRKASGEQSDDLLTHMLN
GKDPETGEPLDDENIRYQIITFLIAGHETTSGLLSFALYFLVKNPHVLQKAAEEAARVLVDPVPSYKQVKQLKYVGMVLN
EALRLWPTAPAFSLYAKEDTVLGGEYPLEKGDELMVLIPQLHRDKTIWGDDVEEFRPERFENPSAIPQHAFKPFGNGQRA
CIGQQFALHEATLVLGMMLKHFDFEDHTNYELDIKETLTLKPEGFVVKAKSKKIPL
;
_entity_poly.pdbx_strand_id   A,B
#
loop_
_chem_comp.id
_chem_comp.type
_chem_comp.name
_chem_comp.formula
GKX non-polymer '(2~{S})-2-(5-cyclohexylpentanoylamino)-3-phenyl-propanoic acid' 'C20 H29 N O3'
GOL non-polymer GLYCEROL 'C3 H8 O3'
HEM non-polymer 'PROTOPORPHYRIN IX CONTAINING FE' 'C34 H32 Fe N4 O4'
QSC non-polymer (1R)-1-phenylethanamine 'C8 H11 N'
#
# COMPACT_ATOMS: atom_id res chain seq x y z
N THR A 2 10.08 -58.92 12.80
CA THR A 2 11.57 -59.21 12.76
C THR A 2 12.33 -57.88 12.61
N ILE A 3 13.40 -57.70 13.39
CA ILE A 3 14.25 -56.47 13.46
C ILE A 3 14.92 -56.24 12.09
N LYS A 4 14.61 -55.11 11.46
CA LYS A 4 15.04 -54.73 10.08
C LYS A 4 16.14 -53.67 10.17
N GLU A 5 17.05 -53.68 9.20
CA GLU A 5 18.01 -52.56 8.99
C GLU A 5 17.25 -51.42 8.29
N MET A 6 17.41 -50.21 8.78
CA MET A 6 16.74 -49.02 8.21
C MET A 6 17.47 -48.60 6.93
N PRO A 7 16.77 -48.31 5.81
CA PRO A 7 17.41 -47.73 4.65
C PRO A 7 18.06 -46.37 4.99
N GLN A 8 19.05 -45.99 4.19
CA GLN A 8 19.77 -44.70 4.34
C GLN A 8 20.10 -44.19 2.95
N PRO A 9 19.91 -42.89 2.65
CA PRO A 9 20.26 -42.37 1.34
C PRO A 9 21.79 -42.28 1.17
N LYS A 10 22.22 -41.84 0.00
CA LYS A 10 23.66 -41.86 -0.38
C LYS A 10 24.47 -40.96 0.55
N THR A 11 25.70 -41.37 0.82
CA THR A 11 26.60 -40.69 1.76
C THR A 11 27.75 -40.01 1.01
N PHE A 12 28.36 -39.05 1.69
CA PHE A 12 29.42 -38.14 1.19
C PHE A 12 30.61 -38.23 2.14
N GLY A 13 31.12 -39.44 2.31
CA GLY A 13 32.24 -39.73 3.22
C GLY A 13 31.92 -39.24 4.62
N GLU A 14 32.80 -38.40 5.17
CA GLU A 14 32.74 -37.96 6.59
C GLU A 14 31.49 -37.08 6.81
N LEU A 15 30.98 -36.46 5.75
CA LEU A 15 29.79 -35.57 5.85
C LEU A 15 28.51 -36.42 5.90
N LYS A 16 28.63 -37.72 5.71
CA LYS A 16 27.52 -38.69 5.78
C LYS A 16 26.43 -38.17 4.83
N ASN A 17 25.20 -37.97 5.31
CA ASN A 17 24.08 -37.56 4.41
C ASN A 17 23.95 -36.04 4.33
N LEU A 18 24.70 -35.26 5.11
CA LEU A 18 24.42 -33.81 5.29
C LEU A 18 24.26 -33.08 3.94
N PRO A 19 25.14 -33.31 2.94
CA PRO A 19 25.10 -32.54 1.70
C PRO A 19 23.79 -32.71 0.93
N LEU A 20 23.02 -33.76 1.19
CA LEU A 20 21.69 -33.93 0.56
C LEU A 20 20.77 -32.74 0.87
N LEU A 21 20.96 -32.04 1.99
CA LEU A 21 20.04 -30.94 2.35
C LEU A 21 20.70 -29.60 2.08
N ASN A 22 21.83 -29.61 1.36
CA ASN A 22 22.48 -28.37 0.86
C ASN A 22 21.71 -27.95 -0.40
N THR A 23 20.50 -27.43 -0.20
CA THR A 23 19.53 -27.03 -1.25
C THR A 23 18.61 -25.97 -0.64
N ASP A 24 17.98 -25.15 -1.46
N ASP A 24 17.97 -25.17 -1.49
CA ASP A 24 16.92 -24.22 -0.99
CA ASP A 24 16.91 -24.22 -1.09
C ASP A 24 15.59 -24.98 -0.82
C ASP A 24 15.60 -24.98 -0.82
N LYS A 25 15.50 -26.26 -1.22
CA LYS A 25 14.25 -27.06 -1.05
C LYS A 25 14.53 -28.38 -0.33
N PRO A 26 15.01 -28.34 0.94
CA PRO A 26 15.33 -29.57 1.66
C PRO A 26 14.11 -30.49 1.88
N VAL A 27 12.95 -29.93 2.18
CA VAL A 27 11.75 -30.79 2.43
C VAL A 27 11.41 -31.55 1.15
N GLN A 28 11.43 -30.88 0.00
CA GLN A 28 11.14 -31.58 -1.28
C GLN A 28 12.25 -32.60 -1.60
N ALA A 29 13.49 -32.33 -1.20
CA ALA A 29 14.61 -33.30 -1.33
C ALA A 29 14.32 -34.53 -0.48
N LEU A 30 13.82 -34.33 0.74
CA LEU A 30 13.50 -35.44 1.68
C LEU A 30 12.31 -36.24 1.19
N MET A 31 11.34 -35.58 0.55
CA MET A 31 10.17 -36.27 -0.07
C MET A 31 10.65 -37.20 -1.21
N LYS A 32 11.59 -36.74 -2.03
CA LYS A 32 12.15 -37.58 -3.13
C LYS A 32 12.94 -38.75 -2.53
N ILE A 33 13.69 -38.53 -1.45
CA ILE A 33 14.39 -39.62 -0.73
C ILE A 33 13.35 -40.61 -0.22
N ALA A 34 12.27 -40.12 0.39
CA ALA A 34 11.18 -40.96 0.91
C ALA A 34 10.58 -41.78 -0.24
N ASP A 35 10.39 -41.16 -1.41
CA ASP A 35 9.83 -41.89 -2.58
C ASP A 35 10.74 -43.07 -2.94
N GLU A 36 12.06 -42.89 -2.82
N GLU A 36 12.06 -42.91 -2.83
CA GLU A 36 13.07 -43.91 -3.22
CA GLU A 36 13.04 -43.94 -3.25
C GLU A 36 13.14 -45.01 -2.15
C GLU A 36 13.19 -45.01 -2.15
N LEU A 37 13.20 -44.62 -0.87
CA LEU A 37 13.59 -45.53 0.24
C LEU A 37 12.37 -46.08 0.98
N GLY A 38 11.23 -45.40 0.91
CA GLY A 38 9.98 -45.88 1.51
C GLY A 38 9.68 -45.22 2.86
N GLU A 39 9.01 -45.98 3.73
CA GLU A 39 8.27 -45.41 4.89
C GLU A 39 9.22 -44.88 5.97
N ILE A 40 10.46 -45.36 6.02
CA ILE A 40 11.43 -44.91 7.04
C ILE A 40 12.85 -44.92 6.45
N PHE A 41 13.61 -43.88 6.73
CA PHE A 41 15.05 -43.87 6.42
C PHE A 41 15.82 -43.12 7.50
N LYS A 42 17.05 -43.58 7.70
CA LYS A 42 18.03 -42.98 8.62
C LYS A 42 18.74 -41.88 7.84
N PHE A 43 18.97 -40.75 8.49
CA PHE A 43 19.69 -39.59 7.95
C PHE A 43 20.77 -39.23 8.96
N GLU A 44 22.03 -39.38 8.56
CA GLU A 44 23.19 -39.14 9.42
C GLU A 44 23.87 -37.88 8.97
N ALA A 45 24.28 -37.05 9.94
CA ALA A 45 25.24 -35.94 9.75
C ALA A 45 26.30 -36.08 10.83
N PRO A 46 27.42 -35.36 10.75
CA PRO A 46 28.41 -35.42 11.82
C PRO A 46 27.70 -35.09 13.15
N GLY A 47 27.75 -36.06 14.08
CA GLY A 47 27.22 -35.96 15.45
C GLY A 47 25.70 -35.94 15.51
N ARG A 48 24.99 -36.41 14.47
CA ARG A 48 23.50 -36.37 14.47
C ARG A 48 22.92 -37.53 13.68
N VAL A 49 21.83 -38.09 14.21
N VAL A 49 21.85 -38.16 14.20
CA VAL A 49 20.98 -39.13 13.56
CA VAL A 49 21.04 -39.13 13.42
C VAL A 49 19.55 -38.61 13.60
C VAL A 49 19.55 -38.81 13.59
N THR A 50 18.87 -38.65 12.46
CA THR A 50 17.45 -38.31 12.33
C THR A 50 16.82 -39.49 11.58
N ARG A 51 15.63 -39.94 11.97
CA ARG A 51 14.88 -40.96 11.20
C ARG A 51 13.62 -40.30 10.63
N TYR A 52 13.43 -40.37 9.32
CA TYR A 52 12.31 -39.73 8.58
C TYR A 52 11.22 -40.77 8.34
N LEU A 53 10.03 -40.48 8.87
N LEU A 53 10.03 -40.46 8.87
CA LEU A 53 8.82 -41.35 8.76
CA LEU A 53 8.81 -41.32 8.78
C LEU A 53 7.87 -40.78 7.71
C LEU A 53 7.88 -40.77 7.70
N SER A 54 7.33 -41.65 6.87
CA SER A 54 6.48 -41.27 5.73
C SER A 54 5.16 -42.05 5.69
N SER A 55 5.04 -43.14 6.42
CA SER A 55 3.84 -44.03 6.33
C SER A 55 2.91 -43.80 7.51
N GLN A 56 1.60 -43.91 7.28
CA GLN A 56 0.60 -43.84 8.37
C GLN A 56 0.87 -45.01 9.32
N ARG A 57 1.34 -46.17 8.82
CA ARG A 57 1.64 -47.35 9.66
C ARG A 57 2.59 -46.96 10.79
N LEU A 58 3.67 -46.24 10.50
CA LEU A 58 4.67 -45.91 11.53
C LEU A 58 4.28 -44.61 12.26
N ILE A 59 3.74 -43.65 11.52
CA ILE A 59 3.40 -42.33 12.13
C ILE A 59 2.30 -42.50 13.17
N LYS A 60 1.38 -43.45 13.00
CA LYS A 60 0.33 -43.73 14.02
C LYS A 60 1.01 -44.13 15.32
N GLU A 61 2.16 -44.84 15.27
CA GLU A 61 2.92 -45.19 16.50
C GLU A 61 3.66 -43.98 17.03
N ALA A 62 4.31 -43.23 16.15
CA ALA A 62 5.05 -42.01 16.54
C ALA A 62 4.11 -41.05 17.29
N CYS A 63 2.82 -41.08 16.99
CA CYS A 63 1.82 -40.12 17.56
C CYS A 63 1.31 -40.57 18.93
N ASP A 64 1.81 -41.72 19.40
CA ASP A 64 1.51 -42.25 20.75
C ASP A 64 2.28 -41.42 21.78
N GLU A 65 1.60 -40.52 22.47
CA GLU A 65 2.23 -39.58 23.43
C GLU A 65 2.83 -40.33 24.61
N SER A 66 2.45 -41.59 24.88
CA SER A 66 3.06 -42.40 25.97
C SER A 66 4.47 -42.84 25.56
N ARG A 67 4.77 -42.87 24.25
CA ARG A 67 6.05 -43.40 23.74
C ARG A 67 6.92 -42.27 23.16
N PHE A 68 6.33 -41.23 22.60
CA PHE A 68 7.05 -40.12 21.94
C PHE A 68 6.54 -38.77 22.42
N ASP A 69 7.48 -37.84 22.62
CA ASP A 69 7.17 -36.43 22.91
C ASP A 69 7.70 -35.56 21.77
N LYS A 70 7.20 -34.34 21.69
CA LYS A 70 7.69 -33.33 20.74
C LYS A 70 9.18 -33.11 21.02
N ASN A 71 9.95 -33.17 19.95
CA ASN A 71 11.37 -32.81 19.92
C ASN A 71 11.48 -31.42 19.29
N LEU A 72 12.42 -30.61 19.78
CA LEU A 72 12.86 -29.41 19.02
C LEU A 72 13.85 -29.90 17.96
N SER A 73 13.41 -29.94 16.71
CA SER A 73 14.28 -30.12 15.52
C SER A 73 15.41 -29.09 15.63
N GLN A 74 16.52 -29.30 14.95
CA GLN A 74 17.58 -28.25 14.93
C GLN A 74 16.98 -26.94 14.42
N ALA A 75 16.07 -26.99 13.43
CA ALA A 75 15.37 -25.80 12.92
C ALA A 75 14.71 -25.06 14.09
N LEU A 76 13.93 -25.76 14.92
CA LEU A 76 13.22 -25.09 16.03
C LEU A 76 14.22 -24.59 17.08
N LYS A 77 15.32 -25.31 17.32
CA LYS A 77 16.38 -24.83 18.23
C LYS A 77 16.94 -23.49 17.74
N PHE A 78 17.10 -23.32 16.43
CA PHE A 78 17.59 -22.03 15.87
C PHE A 78 16.49 -21.00 15.98
N VAL A 79 15.22 -21.37 15.78
CA VAL A 79 14.10 -20.40 15.88
C VAL A 79 13.96 -19.97 17.35
N ARG A 80 14.27 -20.86 18.28
CA ARG A 80 14.20 -20.59 19.74
C ARG A 80 15.09 -19.40 20.12
N ASP A 81 16.13 -19.11 19.34
CA ASP A 81 16.98 -17.91 19.61
C ASP A 81 16.14 -16.63 19.54
N PHE A 82 15.01 -16.60 18.85
CA PHE A 82 14.10 -15.42 18.95
C PHE A 82 12.69 -15.80 19.42
N ALA A 83 12.26 -17.06 19.33
CA ALA A 83 10.90 -17.45 19.78
C ALA A 83 10.96 -17.93 21.24
N GLY A 84 12.16 -18.08 21.79
CA GLY A 84 12.41 -18.40 23.20
C GLY A 84 11.61 -19.61 23.66
N ASP A 85 10.97 -19.49 24.83
CA ASP A 85 10.13 -20.57 25.39
C ASP A 85 8.66 -20.21 25.19
N GLY A 86 8.34 -19.61 24.04
CA GLY A 86 6.97 -19.57 23.55
C GLY A 86 6.48 -20.99 23.35
N LEU A 87 5.19 -21.14 23.07
CA LEU A 87 4.56 -22.47 22.97
C LEU A 87 5.24 -23.35 21.91
N PHE A 88 5.67 -22.77 20.79
CA PHE A 88 6.14 -23.51 19.60
C PHE A 88 7.55 -24.05 19.85
N THR A 89 8.41 -23.29 20.53
CA THR A 89 9.84 -23.66 20.66
C THR A 89 10.18 -24.05 22.11
N SER A 90 9.18 -24.39 22.92
N SER A 90 9.16 -24.39 22.91
CA SER A 90 9.41 -24.88 24.30
CA SER A 90 9.28 -24.93 24.28
C SER A 90 9.29 -26.42 24.30
C SER A 90 9.32 -26.46 24.24
N TRP A 91 10.06 -27.06 25.17
CA TRP A 91 9.93 -28.50 25.49
C TRP A 91 8.68 -28.67 26.35
N THR A 92 8.04 -29.81 26.21
CA THR A 92 6.80 -30.14 26.97
C THR A 92 7.07 -30.06 28.48
N HIS A 93 8.31 -30.32 28.91
CA HIS A 93 8.69 -30.41 30.34
C HIS A 93 9.11 -29.05 30.88
N GLU A 94 9.21 -28.00 30.05
CA GLU A 94 9.49 -26.66 30.59
C GLU A 94 8.23 -26.13 31.25
N LYS A 95 8.39 -25.51 32.41
CA LYS A 95 7.24 -24.99 33.18
C LYS A 95 6.40 -24.05 32.31
N ASN A 96 7.04 -23.21 31.51
CA ASN A 96 6.35 -22.20 30.67
C ASN A 96 5.54 -22.85 29.54
N TRP A 97 5.79 -24.10 29.18
CA TRP A 97 4.95 -24.74 28.13
C TRP A 97 3.55 -24.94 28.71
N LYS A 98 3.42 -25.73 29.78
CA LYS A 98 2.07 -26.08 30.31
C LYS A 98 1.38 -24.81 30.79
N LYS A 99 2.12 -23.89 31.39
CA LYS A 99 1.54 -22.66 31.93
C LYS A 99 0.92 -21.82 30.80
N ALA A 100 1.68 -21.56 29.73
CA ALA A 100 1.19 -20.78 28.57
C ALA A 100 0.05 -21.54 27.90
N HIS A 101 0.17 -22.87 27.77
CA HIS A 101 -0.84 -23.75 27.15
C HIS A 101 -2.16 -23.59 27.92
N ASN A 102 -2.12 -23.73 29.25
CA ASN A 102 -3.35 -23.62 30.07
C ASN A 102 -3.95 -22.21 29.94
N ILE A 103 -3.12 -21.18 29.93
CA ILE A 103 -3.60 -19.77 29.88
C ILE A 103 -4.23 -19.47 28.51
N LEU A 104 -3.63 -19.96 27.43
CA LEU A 104 -3.97 -19.53 26.04
C LEU A 104 -5.04 -20.44 25.41
N LEU A 105 -5.26 -21.66 25.92
CA LEU A 105 -6.26 -22.55 25.25
C LEU A 105 -7.59 -21.82 25.08
N PRO A 106 -8.16 -21.18 26.12
CA PRO A 106 -9.46 -20.52 25.96
C PRO A 106 -9.47 -19.41 24.92
N SER A 107 -8.32 -18.76 24.69
N SER A 107 -8.34 -18.76 24.67
CA SER A 107 -8.14 -17.66 23.71
CA SER A 107 -8.24 -17.64 23.70
C SER A 107 -8.22 -18.21 22.28
C SER A 107 -8.06 -18.19 22.28
N PHE A 108 -8.02 -19.52 22.10
CA PHE A 108 -7.84 -20.15 20.76
C PHE A 108 -9.00 -21.09 20.46
N SER A 109 -10.02 -21.09 21.34
CA SER A 109 -11.16 -22.02 21.21
C SER A 109 -12.00 -21.56 20.03
N GLN A 110 -12.75 -22.50 19.49
CA GLN A 110 -13.81 -22.23 18.50
C GLN A 110 -14.68 -21.08 19.02
N GLN A 111 -14.93 -21.01 20.33
CA GLN A 111 -15.74 -19.94 21.01
C GLN A 111 -15.07 -18.56 20.94
N ALA A 112 -13.76 -18.49 21.15
CA ALA A 112 -12.99 -17.23 21.05
C ALA A 112 -13.07 -16.71 19.60
N MET A 113 -13.26 -17.58 18.63
CA MET A 113 -13.27 -17.18 17.20
C MET A 113 -14.44 -16.22 16.97
N LYS A 114 -15.54 -16.37 17.70
CA LYS A 114 -16.70 -15.44 17.60
C LYS A 114 -16.21 -14.00 17.83
N GLY A 115 -15.29 -13.81 18.79
CA GLY A 115 -14.72 -12.52 19.17
C GLY A 115 -13.73 -11.97 18.16
N TYR A 116 -12.95 -12.83 17.50
CA TYR A 116 -11.91 -12.40 16.55
C TYR A 116 -12.53 -12.13 15.19
N HIS A 117 -13.75 -12.63 14.97
CA HIS A 117 -14.37 -12.68 13.63
C HIS A 117 -14.35 -11.29 12.99
N ALA A 118 -14.80 -10.26 13.70
CA ALA A 118 -14.93 -8.88 13.18
C ALA A 118 -13.55 -8.36 12.73
N MET A 119 -12.48 -8.64 13.47
CA MET A 119 -11.11 -8.18 13.08
C MET A 119 -10.62 -8.98 11.86
N MET A 120 -10.93 -10.27 11.76
CA MET A 120 -10.56 -11.06 10.57
C MET A 120 -11.27 -10.46 9.34
N VAL A 121 -12.55 -10.14 9.51
CA VAL A 121 -13.38 -9.53 8.42
C VAL A 121 -12.72 -8.20 8.00
N ASP A 122 -12.23 -7.42 8.96
CA ASP A 122 -11.58 -6.11 8.65
C ASP A 122 -10.47 -6.34 7.61
N ILE A 123 -9.59 -7.30 7.84
CA ILE A 123 -8.42 -7.53 6.94
C ILE A 123 -8.91 -8.19 5.64
N ALA A 124 -9.83 -9.15 5.75
CA ALA A 124 -10.39 -9.88 4.60
C ALA A 124 -11.04 -8.87 3.64
N VAL A 125 -11.74 -7.88 4.18
CA VAL A 125 -12.40 -6.83 3.35
C VAL A 125 -11.31 -5.98 2.68
N GLN A 126 -10.18 -5.74 3.35
CA GLN A 126 -9.06 -4.98 2.72
C GLN A 126 -8.53 -5.76 1.52
N LEU A 127 -8.40 -7.08 1.63
N LEU A 127 -8.38 -7.08 1.63
CA LEU A 127 -7.95 -7.97 0.53
CA LEU A 127 -7.94 -7.93 0.49
C LEU A 127 -8.93 -7.88 -0.63
C LEU A 127 -8.95 -7.80 -0.65
N VAL A 128 -10.23 -8.02 -0.36
CA VAL A 128 -11.28 -7.98 -1.42
C VAL A 128 -11.23 -6.61 -2.10
N GLN A 129 -11.12 -5.54 -1.33
N GLN A 129 -11.13 -5.54 -1.33
CA GLN A 129 -11.10 -4.16 -1.87
CA GLN A 129 -11.11 -4.16 -1.90
C GLN A 129 -9.86 -3.98 -2.75
C GLN A 129 -9.87 -3.97 -2.76
N LYS A 130 -8.71 -4.51 -2.34
CA LYS A 130 -7.49 -4.41 -3.17
C LYS A 130 -7.80 -5.01 -4.54
N TRP A 131 -8.34 -6.22 -4.56
CA TRP A 131 -8.58 -6.94 -5.83
C TRP A 131 -9.69 -6.26 -6.65
N GLU A 132 -10.73 -5.72 -6.01
CA GLU A 132 -11.80 -4.96 -6.71
C GLU A 132 -11.18 -3.73 -7.39
N ARG A 133 -10.07 -3.25 -6.86
CA ARG A 133 -9.47 -1.98 -7.31
C ARG A 133 -8.37 -2.21 -8.34
N LEU A 134 -8.09 -3.45 -8.72
CA LEU A 134 -7.11 -3.70 -9.81
C LEU A 134 -7.75 -3.28 -11.13
N ASN A 135 -6.91 -2.79 -12.02
CA ASN A 135 -7.29 -2.41 -13.40
C ASN A 135 -7.31 -3.68 -14.27
N ALA A 136 -7.91 -3.54 -15.44
CA ALA A 136 -8.11 -4.64 -16.43
C ALA A 136 -6.85 -5.47 -16.68
N ASP A 137 -5.70 -4.87 -16.96
CA ASP A 137 -4.51 -5.65 -17.43
C ASP A 137 -3.82 -6.40 -16.26
N GLU A 138 -4.29 -6.24 -15.02
CA GLU A 138 -3.42 -6.48 -13.84
C GLU A 138 -3.68 -7.88 -13.31
N HIS A 139 -2.72 -8.38 -12.55
CA HIS A 139 -2.81 -9.73 -11.94
C HIS A 139 -2.54 -9.62 -10.45
N ILE A 140 -2.80 -10.73 -9.77
CA ILE A 140 -2.64 -10.87 -8.30
C ILE A 140 -1.40 -11.72 -8.07
N GLU A 141 -0.53 -11.25 -7.19
CA GLU A 141 0.62 -12.03 -6.65
C GLU A 141 0.10 -12.74 -5.41
N VAL A 142 -0.22 -14.02 -5.56
CA VAL A 142 -1.09 -14.75 -4.59
C VAL A 142 -0.39 -14.89 -3.24
N PRO A 143 0.76 -15.57 -3.09
CA PRO A 143 1.33 -15.72 -1.74
C PRO A 143 1.65 -14.36 -1.11
N GLU A 144 2.01 -13.37 -1.93
CA GLU A 144 2.32 -12.01 -1.46
C GLU A 144 1.06 -11.43 -0.80
N ASP A 145 -0.09 -11.50 -1.48
CA ASP A 145 -1.34 -10.91 -0.93
C ASP A 145 -1.85 -11.77 0.23
N MET A 146 -1.74 -13.09 0.14
CA MET A 146 -2.16 -13.96 1.27
C MET A 146 -1.30 -13.69 2.51
N THR A 147 0.01 -13.39 2.35
CA THR A 147 0.91 -13.10 3.48
C THR A 147 0.58 -11.74 4.08
N ARG A 148 0.30 -10.73 3.23
CA ARG A 148 -0.19 -9.42 3.72
C ARG A 148 -1.41 -9.67 4.61
N LEU A 149 -2.34 -10.50 4.14
CA LEU A 149 -3.58 -10.74 4.87
C LEU A 149 -3.28 -11.41 6.22
N THR A 150 -2.65 -12.57 6.22
CA THR A 150 -2.62 -13.43 7.44
C THR A 150 -1.69 -12.77 8.47
N LEU A 151 -0.62 -12.09 8.04
CA LEU A 151 0.21 -11.31 9.00
C LEU A 151 -0.69 -10.26 9.65
N ASP A 152 -1.46 -9.52 8.86
CA ASP A 152 -2.27 -8.40 9.41
C ASP A 152 -3.32 -8.95 10.37
N THR A 153 -3.93 -10.08 10.02
CA THR A 153 -5.00 -10.69 10.85
C THR A 153 -4.43 -10.99 12.24
N ILE A 154 -3.29 -11.68 12.31
CA ILE A 154 -2.78 -12.08 13.65
C ILE A 154 -2.24 -10.84 14.38
N GLY A 155 -1.70 -9.85 13.67
CA GLY A 155 -1.37 -8.56 14.29
C GLY A 155 -2.56 -7.94 15.00
N LEU A 156 -3.69 -7.86 14.31
CA LEU A 156 -4.89 -7.17 14.83
C LEU A 156 -5.53 -8.02 15.94
N CYS A 157 -5.75 -9.31 15.72
CA CYS A 157 -6.34 -10.22 16.75
C CYS A 157 -5.35 -10.46 17.89
N GLY A 158 -4.07 -10.55 17.61
CA GLY A 158 -3.03 -10.85 18.60
C GLY A 158 -2.86 -9.68 19.58
N PHE A 159 -2.64 -8.47 19.07
CA PHE A 159 -2.29 -7.36 19.98
C PHE A 159 -2.79 -6.01 19.44
N ASN A 160 -3.88 -6.01 18.67
CA ASN A 160 -4.53 -4.77 18.21
C ASN A 160 -3.51 -3.87 17.49
N TYR A 161 -2.61 -4.47 16.74
CA TYR A 161 -1.55 -3.74 16.02
C TYR A 161 -1.76 -3.93 14.51
N ARG A 162 -1.79 -2.82 13.77
CA ARG A 162 -2.01 -2.84 12.31
C ARG A 162 -0.67 -2.76 11.63
N PHE A 163 -0.23 -3.87 11.04
CA PHE A 163 0.96 -3.87 10.16
C PHE A 163 0.65 -3.11 8.86
N ASN A 164 -0.63 -2.92 8.52
CA ASN A 164 -1.07 -2.16 7.32
C ASN A 164 -0.35 -2.69 6.07
N SER A 165 -0.30 -4.01 5.94
CA SER A 165 0.47 -4.67 4.86
C SER A 165 -0.09 -4.30 3.48
N PHE A 166 -1.37 -3.98 3.36
CA PHE A 166 -1.98 -3.64 2.05
C PHE A 166 -1.68 -2.19 1.68
N TYR A 167 -1.01 -1.44 2.56
CA TYR A 167 -0.59 -0.03 2.30
C TYR A 167 0.86 0.00 1.83
N ARG A 168 1.48 -1.16 1.62
CA ARG A 168 2.95 -1.26 1.50
C ARG A 168 3.37 -2.21 0.38
N ASP A 169 4.53 -1.90 -0.18
CA ASP A 169 5.36 -2.78 -1.04
C ASP A 169 6.40 -3.45 -0.13
N GLN A 170 7.18 -2.66 0.61
CA GLN A 170 8.26 -3.18 1.47
C GLN A 170 7.65 -3.51 2.83
N PRO A 171 7.85 -4.73 3.37
CA PRO A 171 7.20 -5.12 4.60
C PRO A 171 7.57 -4.18 5.75
N HIS A 172 6.65 -4.06 6.70
CA HIS A 172 6.90 -3.43 8.02
C HIS A 172 8.29 -3.90 8.48
N PRO A 173 9.13 -2.98 9.03
CA PRO A 173 10.47 -3.31 9.52
C PRO A 173 10.60 -4.58 10.37
N PHE A 174 9.64 -4.77 11.27
CA PHE A 174 9.56 -5.98 12.13
C PHE A 174 9.61 -7.24 11.27
N ILE A 175 8.81 -7.25 10.20
CA ILE A 175 8.63 -8.42 9.28
C ILE A 175 9.94 -8.66 8.52
N THR A 176 10.59 -7.60 8.02
N THR A 176 10.56 -7.58 8.00
CA THR A 176 11.90 -7.74 7.32
CA THR A 176 11.90 -7.65 7.38
C THR A 176 12.90 -8.39 8.30
C THR A 176 12.85 -8.42 8.31
N SER A 177 12.88 -8.04 9.59
CA SER A 177 13.78 -8.66 10.60
C SER A 177 13.32 -10.11 10.89
N MET A 178 12.02 -10.34 11.06
CA MET A 178 11.52 -11.72 11.36
C MET A 178 11.82 -12.66 10.18
N VAL A 179 11.58 -12.23 8.96
CA VAL A 179 11.82 -13.05 7.74
C VAL A 179 13.32 -13.37 7.66
N ARG A 180 14.18 -12.38 7.89
CA ARG A 180 15.65 -12.58 7.80
C ARG A 180 16.14 -13.50 8.91
N ALA A 181 15.54 -13.41 10.10
CA ALA A 181 15.85 -14.30 11.24
C ALA A 181 15.42 -15.73 10.90
N LEU A 182 14.23 -15.93 10.34
CA LEU A 182 13.75 -17.28 9.93
C LEU A 182 14.70 -17.83 8.85
N ASP A 183 15.13 -16.97 7.93
CA ASP A 183 16.02 -17.37 6.82
C ASP A 183 17.37 -17.83 7.40
N GLU A 184 17.94 -17.03 8.31
CA GLU A 184 19.20 -17.38 9.01
C GLU A 184 19.02 -18.71 9.76
N ALA A 185 17.91 -18.87 10.46
CA ALA A 185 17.65 -20.10 11.25
C ALA A 185 17.70 -21.31 10.33
N MET A 186 17.04 -21.25 9.17
CA MET A 186 16.96 -22.39 8.24
C MET A 186 18.30 -22.57 7.50
N ASN A 187 18.96 -21.48 7.10
CA ASN A 187 20.28 -21.55 6.41
C ASN A 187 21.31 -22.22 7.33
N LYS A 188 21.24 -21.97 8.64
CA LYS A 188 22.23 -22.54 9.60
C LYS A 188 22.21 -24.07 9.57
N LEU A 189 21.11 -24.68 9.14
CA LEU A 189 21.03 -26.16 9.05
C LEU A 189 22.08 -26.67 8.05
N GLN A 190 22.48 -25.86 7.09
CA GLN A 190 23.34 -26.29 5.96
C GLN A 190 24.83 -25.98 6.20
N ARG A 191 25.19 -25.36 7.33
CA ARG A 191 26.60 -24.95 7.62
C ARG A 191 27.33 -26.10 8.30
N ALA A 192 28.11 -26.88 7.54
CA ALA A 192 28.99 -27.97 8.02
C ALA A 192 29.99 -27.44 9.06
N ASN A 193 30.42 -26.18 8.96
CA ASN A 193 31.26 -25.52 10.00
C ASN A 193 30.67 -24.15 10.34
N PRO A 194 29.69 -24.10 11.28
CA PRO A 194 29.00 -22.85 11.63
C PRO A 194 29.89 -21.76 12.26
N ASP A 195 31.03 -22.15 12.82
CA ASP A 195 31.95 -21.26 13.57
C ASP A 195 33.01 -20.66 12.63
N ASP A 196 32.84 -20.79 11.32
CA ASP A 196 33.69 -20.10 10.30
C ASP A 196 33.45 -18.59 10.46
N PRO A 197 34.44 -17.72 10.17
CA PRO A 197 34.24 -16.27 10.17
C PRO A 197 33.55 -15.81 8.88
N ALA A 198 33.51 -16.66 7.85
CA ALA A 198 32.66 -16.48 6.65
C ALA A 198 31.25 -16.11 7.12
N TYR A 199 30.78 -16.78 8.16
CA TYR A 199 29.41 -16.67 8.73
C TYR A 199 29.35 -15.59 9.83
N ASP A 200 30.37 -14.72 9.96
CA ASP A 200 30.44 -13.71 11.04
C ASP A 200 29.44 -12.56 10.79
N GLU A 201 29.26 -12.14 9.54
CA GLU A 201 28.25 -11.10 9.18
C GLU A 201 26.84 -11.67 9.42
N ASN A 202 26.62 -12.96 9.11
CA ASN A 202 25.33 -13.62 9.35
C ASN A 202 24.98 -13.50 10.83
N LYS A 203 25.93 -13.84 11.73
CA LYS A 203 25.73 -13.83 13.20
C LYS A 203 25.33 -12.43 13.64
N ARG A 204 25.96 -11.39 13.09
CA ARG A 204 25.77 -9.99 13.54
C ARG A 204 24.40 -9.49 13.06
N GLN A 205 23.99 -9.83 11.84
CA GLN A 205 22.66 -9.42 11.30
C GLN A 205 21.55 -10.05 12.17
N PHE A 206 21.78 -11.28 12.61
CA PHE A 206 20.82 -12.12 13.38
C PHE A 206 20.50 -11.39 14.69
N GLN A 207 21.55 -10.95 15.39
CA GLN A 207 21.44 -10.21 16.67
C GLN A 207 20.65 -8.92 16.45
N GLU A 208 20.94 -8.13 15.40
CA GLU A 208 20.22 -6.87 15.08
C GLU A 208 18.73 -7.19 14.84
N ASP A 209 18.43 -8.26 14.13
CA ASP A 209 17.04 -8.65 13.77
C ASP A 209 16.27 -9.07 15.04
N ILE A 210 16.91 -9.84 15.90
CA ILE A 210 16.33 -10.22 17.21
C ILE A 210 15.98 -8.94 17.98
N LYS A 211 16.85 -7.90 17.93
CA LYS A 211 16.62 -6.65 18.68
C LYS A 211 15.39 -5.94 18.12
N VAL A 212 15.29 -5.84 16.79
CA VAL A 212 14.14 -5.15 16.15
C VAL A 212 12.84 -5.80 16.66
N MET A 213 12.83 -7.13 16.71
CA MET A 213 11.63 -7.92 17.08
C MET A 213 11.30 -7.67 18.56
N ASN A 214 12.27 -7.86 19.45
CA ASN A 214 12.12 -7.64 20.91
C ASN A 214 11.65 -6.20 21.16
N ASP A 215 12.28 -5.23 20.50
CA ASP A 215 11.97 -3.79 20.75
C ASP A 215 10.52 -3.50 20.38
N LEU A 216 10.05 -3.89 19.19
CA LEU A 216 8.64 -3.56 18.85
C LEU A 216 7.76 -4.32 19.85
N VAL A 217 8.06 -5.58 20.12
CA VAL A 217 7.10 -6.42 20.87
C VAL A 217 7.12 -5.97 22.34
N ASP A 218 8.29 -5.81 22.93
CA ASP A 218 8.41 -5.34 24.34
C ASP A 218 7.73 -3.98 24.46
N LYS A 219 7.87 -3.11 23.45
CA LYS A 219 7.24 -1.76 23.49
C LYS A 219 5.71 -1.91 23.41
N ILE A 220 5.24 -2.81 22.55
CA ILE A 220 3.79 -3.13 22.45
C ILE A 220 3.28 -3.56 23.83
N ILE A 221 3.99 -4.44 24.51
CA ILE A 221 3.52 -4.95 25.85
C ILE A 221 3.52 -3.77 26.84
N ALA A 222 4.64 -3.06 26.96
CA ALA A 222 4.79 -1.89 27.86
C ALA A 222 3.68 -0.86 27.56
N ASP A 223 3.48 -0.50 26.28
CA ASP A 223 2.42 0.47 25.89
C ASP A 223 1.08 -0.04 26.37
N ARG A 224 0.81 -1.34 26.24
CA ARG A 224 -0.53 -1.86 26.64
C ARG A 224 -0.66 -1.76 28.16
N LYS A 225 0.37 -2.17 28.89
CA LYS A 225 0.36 -2.11 30.38
C LYS A 225 0.19 -0.65 30.81
N ALA A 226 0.89 0.29 30.17
CA ALA A 226 0.86 1.74 30.49
C ALA A 226 -0.52 2.36 30.16
N SER A 227 -1.27 1.83 29.19
CA SER A 227 -2.58 2.42 28.77
C SER A 227 -3.71 1.94 29.69
N GLY A 228 -3.59 0.73 30.24
CA GLY A 228 -4.66 0.05 31.00
C GLY A 228 -5.81 -0.42 30.11
N GLU A 229 -5.69 -0.32 28.78
CA GLU A 229 -6.79 -0.64 27.83
C GLU A 229 -6.98 -2.16 27.80
N GLN A 230 -8.24 -2.60 27.70
CA GLN A 230 -8.67 -4.00 27.82
C GLN A 230 -9.35 -4.41 26.50
N SER A 231 -8.62 -4.38 25.38
CA SER A 231 -9.11 -4.90 24.08
C SER A 231 -9.17 -6.43 24.18
N ASP A 232 -10.16 -7.06 23.54
CA ASP A 232 -10.35 -8.53 23.55
C ASP A 232 -9.40 -9.10 22.49
N ASP A 233 -8.10 -9.08 22.79
CA ASP A 233 -7.04 -9.70 21.95
C ASP A 233 -6.17 -10.59 22.85
N LEU A 234 -5.26 -11.34 22.23
CA LEU A 234 -4.39 -12.30 22.92
C LEU A 234 -3.50 -11.60 23.94
N LEU A 235 -3.00 -10.41 23.63
CA LEU A 235 -2.16 -9.65 24.60
C LEU A 235 -2.96 -9.38 25.88
N THR A 236 -4.21 -8.93 25.79
CA THR A 236 -5.06 -8.70 27.00
C THR A 236 -5.18 -10.01 27.80
N HIS A 237 -5.49 -11.12 27.14
CA HIS A 237 -5.66 -12.45 27.78
C HIS A 237 -4.38 -12.84 28.49
N MET A 238 -3.23 -12.59 27.88
CA MET A 238 -1.92 -12.97 28.45
C MET A 238 -1.58 -12.04 29.62
N LEU A 239 -1.95 -10.76 29.56
CA LEU A 239 -1.65 -9.82 30.68
C LEU A 239 -2.52 -10.15 31.90
N ASN A 240 -3.72 -10.68 31.72
CA ASN A 240 -4.73 -10.85 32.80
C ASN A 240 -4.86 -12.32 33.20
N GLY A 241 -4.41 -13.25 32.37
CA GLY A 241 -4.72 -14.67 32.56
C GLY A 241 -3.86 -15.25 33.66
N LYS A 242 -4.40 -16.20 34.41
CA LYS A 242 -3.59 -16.96 35.38
C LYS A 242 -3.76 -18.44 35.05
N ASP A 243 -2.65 -19.15 35.03
CA ASP A 243 -2.65 -20.61 34.87
C ASP A 243 -3.39 -21.22 36.04
N PRO A 244 -4.49 -21.97 35.83
CA PRO A 244 -5.22 -22.59 36.93
C PRO A 244 -4.37 -23.56 37.79
N GLU A 245 -3.36 -24.17 37.17
CA GLU A 245 -2.48 -25.17 37.81
C GLU A 245 -1.52 -24.47 38.78
N THR A 246 -0.60 -23.64 38.28
CA THR A 246 0.40 -22.92 39.12
C THR A 246 -0.25 -21.71 39.83
N GLY A 247 -1.36 -21.18 39.30
CA GLY A 247 -1.96 -19.92 39.75
C GLY A 247 -1.18 -18.71 39.28
N GLU A 248 -0.16 -18.90 38.45
CA GLU A 248 0.76 -17.83 38.00
C GLU A 248 0.32 -17.29 36.64
N PRO A 249 0.56 -15.98 36.38
CA PRO A 249 0.44 -15.42 35.04
C PRO A 249 1.74 -15.63 34.27
N LEU A 250 1.70 -15.43 32.96
CA LEU A 250 2.93 -15.32 32.16
C LEU A 250 3.67 -14.04 32.53
N ASP A 251 4.99 -14.08 32.54
CA ASP A 251 5.80 -12.84 32.73
C ASP A 251 5.98 -12.18 31.35
N ASP A 252 6.44 -10.93 31.34
CA ASP A 252 6.45 -10.09 30.12
C ASP A 252 7.38 -10.69 29.07
N GLU A 253 8.47 -11.30 29.50
CA GLU A 253 9.43 -11.93 28.56
C GLU A 253 8.69 -13.05 27.82
N ASN A 254 8.01 -13.92 28.54
CA ASN A 254 7.31 -15.06 27.90
C ASN A 254 6.22 -14.52 26.97
N ILE A 255 5.46 -13.50 27.38
CA ILE A 255 4.39 -12.89 26.53
C ILE A 255 5.02 -12.43 25.21
N ARG A 256 6.21 -11.80 25.26
CA ARG A 256 6.97 -11.38 24.06
C ARG A 256 7.21 -12.61 23.17
N TYR A 257 7.73 -13.69 23.73
CA TYR A 257 7.97 -14.93 22.94
C TYR A 257 6.65 -15.42 22.33
N GLN A 258 5.55 -15.39 23.06
CA GLN A 258 4.26 -15.87 22.51
C GLN A 258 3.88 -14.99 21.32
N ILE A 259 3.99 -13.67 21.47
CA ILE A 259 3.61 -12.74 20.37
C ILE A 259 4.50 -13.00 19.15
N ILE A 260 5.81 -13.12 19.32
CA ILE A 260 6.75 -13.40 18.20
C ILE A 260 6.30 -14.70 17.53
N THR A 261 5.94 -15.68 18.35
CA THR A 261 5.50 -17.00 17.88
C THR A 261 4.24 -16.87 17.02
N PHE A 262 3.24 -16.13 17.48
CA PHE A 262 1.97 -15.96 16.75
C PHE A 262 2.24 -15.26 15.43
N LEU A 263 3.11 -14.25 15.43
CA LEU A 263 3.45 -13.50 14.20
C LEU A 263 4.15 -14.41 13.19
N ILE A 264 5.09 -15.24 13.65
CA ILE A 264 5.74 -16.27 12.81
C ILE A 264 4.62 -17.13 12.21
N ALA A 265 3.71 -17.62 13.05
CA ALA A 265 2.64 -18.52 12.58
C ALA A 265 1.81 -17.83 11.50
N GLY A 266 1.27 -16.64 11.79
CA GLY A 266 0.34 -15.97 10.86
C GLY A 266 1.03 -15.68 9.54
N HIS A 267 2.28 -15.22 9.60
CA HIS A 267 3.07 -14.86 8.39
C HIS A 267 3.32 -16.11 7.54
N GLU A 268 3.68 -17.22 8.17
CA GLU A 268 4.26 -18.39 7.47
C GLU A 268 3.19 -19.38 7.02
N THR A 269 2.14 -19.62 7.79
CA THR A 269 1.32 -20.85 7.62
C THR A 269 0.04 -20.55 6.84
N THR A 270 -0.87 -19.80 7.43
CA THR A 270 -2.23 -19.65 6.88
C THR A 270 -2.13 -19.10 5.45
N SER A 271 -1.18 -18.20 5.23
CA SER A 271 -0.91 -17.59 3.90
C SER A 271 -0.54 -18.69 2.90
N GLY A 272 0.27 -19.67 3.32
CA GLY A 272 0.63 -20.83 2.46
C GLY A 272 -0.59 -21.66 2.14
N LEU A 273 -1.41 -21.95 3.15
CA LEU A 273 -2.64 -22.75 2.97
C LEU A 273 -3.54 -22.06 1.93
N LEU A 274 -3.81 -20.77 2.11
CA LEU A 274 -4.69 -20.02 1.20
C LEU A 274 -4.09 -20.03 -0.20
N SER A 275 -2.77 -19.89 -0.33
CA SER A 275 -2.09 -19.87 -1.65
C SER A 275 -2.24 -21.23 -2.33
N PHE A 276 -2.01 -22.32 -1.60
CA PHE A 276 -2.17 -23.69 -2.16
C PHE A 276 -3.65 -23.97 -2.48
N ALA A 277 -4.58 -23.52 -1.64
CA ALA A 277 -6.01 -23.76 -1.88
C ALA A 277 -6.40 -23.08 -3.19
N LEU A 278 -6.00 -21.82 -3.41
CA LEU A 278 -6.37 -21.11 -4.65
C LEU A 278 -5.68 -21.78 -5.84
N TYR A 279 -4.43 -22.20 -5.66
CA TYR A 279 -3.69 -22.94 -6.71
C TYR A 279 -4.53 -24.15 -7.15
N PHE A 280 -4.90 -25.02 -6.21
CA PHE A 280 -5.68 -26.24 -6.53
C PHE A 280 -7.03 -25.88 -7.15
N LEU A 281 -7.70 -24.81 -6.68
CA LEU A 281 -9.01 -24.44 -7.25
C LEU A 281 -8.86 -24.03 -8.71
N VAL A 282 -7.87 -23.21 -9.05
CA VAL A 282 -7.73 -22.76 -10.46
C VAL A 282 -7.28 -23.93 -11.33
N LYS A 283 -6.58 -24.93 -10.77
CA LYS A 283 -6.16 -26.14 -11.51
C LYS A 283 -7.30 -27.18 -11.58
N ASN A 284 -8.41 -26.98 -10.88
CA ASN A 284 -9.52 -27.97 -10.80
C ASN A 284 -10.82 -27.21 -10.92
N PRO A 285 -11.12 -26.68 -12.12
CA PRO A 285 -12.27 -25.82 -12.31
C PRO A 285 -13.61 -26.37 -11.79
N HIS A 286 -13.84 -27.67 -11.83
CA HIS A 286 -15.10 -28.26 -11.32
C HIS A 286 -15.16 -28.05 -9.80
N VAL A 287 -14.03 -28.21 -9.13
CA VAL A 287 -13.96 -28.03 -7.65
C VAL A 287 -14.16 -26.54 -7.33
N LEU A 288 -13.49 -25.66 -8.08
N LEU A 288 -13.52 -25.65 -8.09
CA LEU A 288 -13.66 -24.20 -7.94
CA LEU A 288 -13.69 -24.18 -7.91
C LEU A 288 -15.15 -23.87 -8.05
C LEU A 288 -15.19 -23.87 -8.04
N GLN A 289 -15.83 -24.38 -9.08
N GLN A 289 -15.85 -24.39 -9.08
CA GLN A 289 -17.28 -24.07 -9.30
CA GLN A 289 -17.29 -24.13 -9.33
C GLN A 289 -18.10 -24.55 -8.09
C GLN A 289 -18.10 -24.56 -8.11
N LYS A 290 -17.86 -25.76 -7.60
CA LYS A 290 -18.64 -26.30 -6.45
C LYS A 290 -18.41 -25.39 -5.22
N ALA A 291 -17.17 -24.96 -5.00
CA ALA A 291 -16.83 -24.09 -3.84
C ALA A 291 -17.46 -22.72 -4.03
N ALA A 292 -17.43 -22.18 -5.25
CA ALA A 292 -18.01 -20.87 -5.61
C ALA A 292 -19.53 -20.94 -5.38
N GLU A 293 -20.14 -22.06 -5.74
CA GLU A 293 -21.61 -22.25 -5.54
C GLU A 293 -21.96 -22.20 -4.05
N GLU A 294 -21.15 -22.85 -3.22
CA GLU A 294 -21.37 -22.83 -1.77
C GLU A 294 -21.21 -21.40 -1.26
N ALA A 295 -20.16 -20.69 -1.65
CA ALA A 295 -19.90 -19.33 -1.18
C ALA A 295 -21.11 -18.45 -1.52
N ALA A 296 -21.65 -18.56 -2.74
CA ALA A 296 -22.79 -17.72 -3.21
C ALA A 296 -24.05 -18.08 -2.40
N ARG A 297 -24.24 -19.37 -2.11
CA ARG A 297 -25.45 -19.84 -1.41
C ARG A 297 -25.43 -19.37 0.05
N VAL A 298 -24.24 -19.39 0.69
CA VAL A 298 -24.09 -19.19 2.16
C VAL A 298 -23.88 -17.71 2.48
N LEU A 299 -23.01 -17.03 1.74
CA LEU A 299 -22.57 -15.65 2.10
C LEU A 299 -23.54 -14.65 1.48
N VAL A 300 -24.75 -14.60 2.05
CA VAL A 300 -25.91 -13.83 1.50
C VAL A 300 -25.87 -12.38 1.99
N ASP A 301 -24.91 -12.02 2.86
CA ASP A 301 -24.83 -10.65 3.44
C ASP A 301 -23.55 -9.99 2.94
N PRO A 302 -23.48 -8.65 2.98
CA PRO A 302 -22.29 -7.91 2.54
C PRO A 302 -21.01 -8.32 3.28
N VAL A 303 -21.15 -8.61 4.56
CA VAL A 303 -20.09 -8.97 5.56
C VAL A 303 -20.40 -10.40 6.00
N PRO A 304 -19.54 -11.42 5.84
CA PRO A 304 -19.83 -12.74 6.38
C PRO A 304 -19.95 -12.66 7.91
N SER A 305 -20.87 -13.44 8.48
CA SER A 305 -21.01 -13.65 9.94
C SER A 305 -20.17 -14.86 10.35
N TYR A 306 -19.88 -15.00 11.63
CA TYR A 306 -19.23 -16.19 12.20
C TYR A 306 -20.03 -17.44 11.81
N LYS A 307 -21.37 -17.40 11.94
CA LYS A 307 -22.22 -18.60 11.70
C LYS A 307 -22.13 -18.98 10.22
N GLN A 308 -22.09 -18.00 9.32
CA GLN A 308 -22.00 -18.26 7.87
C GLN A 308 -20.67 -18.96 7.55
N VAL A 309 -19.57 -18.51 8.15
CA VAL A 309 -18.26 -19.18 7.96
C VAL A 309 -18.36 -20.66 8.36
N LYS A 310 -19.01 -20.97 9.47
N LYS A 310 -19.04 -20.97 9.45
CA LYS A 310 -19.17 -22.37 9.97
CA LYS A 310 -19.27 -22.38 9.91
C LYS A 310 -19.96 -23.20 8.96
C LYS A 310 -20.06 -23.16 8.85
N GLN A 311 -20.76 -22.57 8.09
N GLN A 311 -20.88 -22.50 8.04
CA GLN A 311 -21.63 -23.29 7.11
CA GLN A 311 -21.74 -23.15 7.02
C GLN A 311 -20.91 -23.48 5.78
C GLN A 311 -20.92 -23.47 5.76
N LEU A 312 -19.70 -22.94 5.64
CA LEU A 312 -18.87 -23.15 4.42
C LEU A 312 -18.15 -24.50 4.49
N LYS A 313 -18.93 -25.59 4.51
N LYS A 313 -18.91 -25.59 4.48
CA LYS A 313 -18.42 -26.98 4.69
CA LYS A 313 -18.36 -26.95 4.70
C LYS A 313 -17.48 -27.36 3.54
C LYS A 313 -17.45 -27.36 3.54
N TYR A 314 -17.89 -27.13 2.30
CA TYR A 314 -17.12 -27.53 1.11
C TYR A 314 -15.83 -26.71 1.06
N VAL A 315 -15.89 -25.42 1.40
CA VAL A 315 -14.67 -24.58 1.46
C VAL A 315 -13.72 -25.18 2.51
N GLY A 316 -14.24 -25.60 3.66
CA GLY A 316 -13.39 -26.26 4.67
C GLY A 316 -12.77 -27.55 4.14
N MET A 317 -13.53 -28.30 3.35
CA MET A 317 -13.00 -29.53 2.71
C MET A 317 -11.89 -29.18 1.71
N VAL A 318 -12.06 -28.13 0.93
CA VAL A 318 -11.03 -27.63 -0.02
C VAL A 318 -9.76 -27.33 0.76
N LEU A 319 -9.87 -26.65 1.90
CA LEU A 319 -8.70 -26.27 2.71
C LEU A 319 -8.01 -27.54 3.23
N ASN A 320 -8.79 -28.50 3.72
CA ASN A 320 -8.21 -29.77 4.23
C ASN A 320 -7.52 -30.51 3.09
N GLU A 321 -8.10 -30.52 1.90
CA GLU A 321 -7.48 -31.21 0.75
C GLU A 321 -6.19 -30.49 0.36
N ALA A 322 -6.13 -29.16 0.44
CA ALA A 322 -4.90 -28.39 0.17
C ALA A 322 -3.84 -28.73 1.23
N LEU A 323 -4.25 -28.82 2.49
CA LEU A 323 -3.36 -29.26 3.59
C LEU A 323 -2.89 -30.68 3.33
N ARG A 324 -3.73 -31.53 2.75
CA ARG A 324 -3.30 -32.92 2.48
C ARG A 324 -2.12 -32.91 1.49
N LEU A 325 -2.32 -32.36 0.30
CA LEU A 325 -1.29 -32.42 -0.77
C LEU A 325 -0.06 -31.55 -0.44
N TRP A 326 -0.27 -30.36 0.12
CA TRP A 326 0.84 -29.43 0.42
C TRP A 326 0.65 -28.85 1.82
N PRO A 327 0.89 -29.69 2.85
CA PRO A 327 0.81 -29.23 4.24
C PRO A 327 1.86 -28.12 4.42
N THR A 328 1.39 -26.89 4.54
CA THR A 328 2.27 -25.70 4.48
C THR A 328 3.31 -25.78 5.61
N ALA A 329 2.92 -26.25 6.81
CA ALA A 329 3.88 -26.68 7.86
C ALA A 329 4.21 -28.15 7.59
N PRO A 330 5.37 -28.50 7.00
CA PRO A 330 5.52 -29.83 6.41
C PRO A 330 6.15 -30.92 7.28
N ALA A 331 6.51 -30.63 8.52
CA ALA A 331 7.20 -31.61 9.39
C ALA A 331 7.05 -31.21 10.85
N PHE A 332 7.15 -32.21 11.70
CA PHE A 332 7.39 -32.06 13.14
C PHE A 332 8.29 -33.20 13.60
N SER A 333 8.93 -32.96 14.73
CA SER A 333 10.01 -33.80 15.28
C SER A 333 9.54 -34.38 16.60
N LEU A 334 9.89 -35.64 16.85
CA LEU A 334 9.55 -36.41 18.05
C LEU A 334 10.83 -37.03 18.60
N TYR A 335 10.86 -37.32 19.91
CA TYR A 335 11.93 -38.15 20.49
C TYR A 335 11.26 -39.28 21.26
N ALA A 336 11.93 -40.43 21.29
CA ALA A 336 11.51 -41.62 22.05
C ALA A 336 11.70 -41.32 23.54
N LYS A 337 10.62 -41.42 24.31
CA LYS A 337 10.66 -41.17 25.77
C LYS A 337 11.48 -42.28 26.43
N GLU A 338 11.45 -43.46 25.85
CA GLU A 338 12.13 -44.67 26.37
C GLU A 338 12.56 -45.51 25.17
N ASP A 339 13.52 -46.42 25.39
CA ASP A 339 13.85 -47.49 24.43
C ASP A 339 12.54 -48.13 23.99
N THR A 340 12.35 -48.33 22.69
CA THR A 340 11.08 -48.86 22.14
C THR A 340 11.34 -49.36 20.72
N VAL A 341 10.42 -50.16 20.21
CA VAL A 341 10.53 -50.76 18.85
C VAL A 341 9.40 -50.18 18.02
N LEU A 342 9.76 -49.51 16.94
CA LEU A 342 8.78 -48.89 16.01
C LEU A 342 8.35 -49.95 15.00
N GLY A 343 7.04 -50.19 14.90
CA GLY A 343 6.47 -50.99 13.80
C GLY A 343 6.90 -52.44 13.83
N GLY A 344 7.36 -52.91 14.99
CA GLY A 344 7.79 -54.31 15.19
C GLY A 344 9.13 -54.61 14.53
N GLU A 345 9.84 -53.59 14.01
CA GLU A 345 10.99 -53.78 13.09
C GLU A 345 12.18 -52.88 13.43
N TYR A 346 11.95 -51.69 13.98
CA TYR A 346 13.02 -50.67 14.11
C TYR A 346 13.23 -50.30 15.56
N PRO A 347 14.24 -50.89 16.23
CA PRO A 347 14.53 -50.55 17.62
C PRO A 347 15.03 -49.11 17.74
N LEU A 348 14.44 -48.38 18.68
CA LEU A 348 14.84 -47.01 19.02
C LEU A 348 15.34 -47.00 20.47
N GLU A 349 16.35 -46.18 20.72
CA GLU A 349 16.84 -45.89 22.08
C GLU A 349 16.16 -44.63 22.60
N LYS A 350 16.02 -44.54 23.91
CA LYS A 350 15.56 -43.32 24.62
C LYS A 350 16.29 -42.12 24.01
N GLY A 351 15.54 -41.10 23.61
CA GLY A 351 16.15 -39.85 23.09
C GLY A 351 16.28 -39.87 21.57
N ASP A 352 16.11 -41.01 20.91
CA ASP A 352 16.22 -41.07 19.42
C ASP A 352 15.20 -40.13 18.78
N GLU A 353 15.65 -39.36 17.80
CA GLU A 353 14.87 -38.29 17.13
C GLU A 353 14.21 -38.84 15.87
N LEU A 354 12.94 -38.49 15.68
CA LEU A 354 12.14 -38.80 14.47
C LEU A 354 11.70 -37.49 13.85
N MET A 355 11.67 -37.44 12.52
CA MET A 355 11.01 -36.37 11.75
C MET A 355 9.82 -37.01 11.01
N VAL A 356 8.64 -36.40 11.18
CA VAL A 356 7.42 -36.82 10.44
C VAL A 356 7.38 -35.97 9.18
N LEU A 357 7.45 -36.62 8.02
N LEU A 357 7.50 -36.60 8.00
CA LEU A 357 7.41 -35.95 6.70
CA LEU A 357 7.40 -35.89 6.70
C LEU A 357 5.93 -35.85 6.27
C LEU A 357 5.94 -35.86 6.29
N ILE A 358 5.25 -34.78 6.67
CA ILE A 358 3.78 -34.73 6.54
C ILE A 358 3.36 -34.86 5.08
N PRO A 359 4.05 -34.23 4.09
CA PRO A 359 3.61 -34.37 2.70
C PRO A 359 3.59 -35.83 2.27
N GLN A 360 4.54 -36.63 2.78
CA GLN A 360 4.64 -38.06 2.42
C GLN A 360 3.53 -38.85 3.11
N LEU A 361 3.32 -38.60 4.40
CA LEU A 361 2.19 -39.19 5.16
C LEU A 361 0.93 -39.01 4.33
N HIS A 362 0.72 -37.81 3.83
CA HIS A 362 -0.54 -37.44 3.16
C HIS A 362 -0.64 -38.05 1.77
N ARG A 363 0.41 -38.74 1.30
CA ARG A 363 0.42 -39.39 -0.02
C ARG A 363 0.44 -40.92 0.14
N ASP A 364 0.23 -41.41 1.35
CA ASP A 364 0.23 -42.87 1.64
C ASP A 364 -0.94 -43.50 0.90
N LYS A 365 -0.65 -44.27 -0.16
CA LYS A 365 -1.71 -44.87 -1.01
C LYS A 365 -2.52 -45.92 -0.24
N THR A 366 -1.96 -46.55 0.80
CA THR A 366 -2.70 -47.55 1.64
C THR A 366 -3.83 -46.82 2.35
N ILE A 367 -3.72 -45.51 2.54
CA ILE A 367 -4.76 -44.71 3.23
C ILE A 367 -5.69 -44.08 2.19
N TRP A 368 -5.13 -43.39 1.20
CA TRP A 368 -5.91 -42.47 0.34
C TRP A 368 -6.32 -43.14 -0.96
N GLY A 369 -5.68 -44.27 -1.31
CA GLY A 369 -5.98 -45.01 -2.54
C GLY A 369 -5.23 -44.47 -3.74
N ASP A 370 -5.60 -44.96 -4.91
CA ASP A 370 -4.85 -44.74 -6.18
C ASP A 370 -4.95 -43.28 -6.62
N ASP A 371 -6.04 -42.57 -6.30
CA ASP A 371 -6.27 -41.17 -6.76
C ASP A 371 -5.57 -40.16 -5.81
N VAL A 372 -4.48 -40.56 -5.15
CA VAL A 372 -3.84 -39.82 -4.01
C VAL A 372 -3.30 -38.46 -4.49
N GLU A 373 -2.86 -38.32 -5.74
CA GLU A 373 -2.31 -37.04 -6.26
C GLU A 373 -3.45 -36.14 -6.72
N GLU A 374 -4.67 -36.66 -6.80
CA GLU A 374 -5.84 -35.88 -7.28
C GLU A 374 -6.35 -34.98 -6.16
N PHE A 375 -6.83 -33.79 -6.55
CA PHE A 375 -7.43 -32.82 -5.61
C PHE A 375 -8.93 -33.10 -5.54
N ARG A 376 -9.36 -33.78 -4.47
N ARG A 376 -9.36 -33.80 -4.48
CA ARG A 376 -10.75 -34.24 -4.27
CA ARG A 376 -10.75 -34.25 -4.27
C ARG A 376 -11.18 -33.90 -2.84
C ARG A 376 -11.17 -33.91 -2.85
N PRO A 377 -11.69 -32.69 -2.61
CA PRO A 377 -12.10 -32.29 -1.26
C PRO A 377 -13.11 -33.25 -0.61
N GLU A 378 -13.86 -33.97 -1.44
CA GLU A 378 -14.89 -34.95 -1.02
C GLU A 378 -14.27 -36.03 -0.10
N ARG A 379 -12.96 -36.28 -0.18
CA ARG A 379 -12.25 -37.20 0.75
C ARG A 379 -12.53 -36.82 2.20
N PHE A 380 -12.79 -35.54 2.46
CA PHE A 380 -12.94 -35.00 3.83
C PHE A 380 -14.40 -34.84 4.27
N GLU A 381 -15.35 -35.45 3.56
N GLU A 381 -15.36 -35.47 3.58
CA GLU A 381 -16.80 -35.37 3.90
CA GLU A 381 -16.80 -35.29 3.92
C GLU A 381 -17.02 -35.82 5.35
C GLU A 381 -17.11 -35.89 5.31
N ASN A 382 -16.30 -36.85 5.79
CA ASN A 382 -16.56 -37.54 7.07
C ASN A 382 -15.25 -37.81 7.78
N PRO A 383 -14.88 -37.01 8.81
CA PRO A 383 -13.66 -37.24 9.58
C PRO A 383 -13.53 -38.68 10.11
N SER A 384 -14.65 -39.35 10.41
CA SER A 384 -14.65 -40.71 10.97
C SER A 384 -14.20 -41.75 9.93
N ALA A 385 -14.26 -41.43 8.64
CA ALA A 385 -13.81 -42.35 7.57
C ALA A 385 -12.31 -42.17 7.29
N ILE A 386 -11.63 -41.25 7.96
N ILE A 386 -11.64 -41.22 7.95
CA ILE A 386 -10.16 -41.09 7.78
CA ILE A 386 -10.17 -40.99 7.87
C ILE A 386 -9.49 -41.85 8.91
C ILE A 386 -9.50 -41.85 8.94
N PRO A 387 -8.60 -42.81 8.59
CA PRO A 387 -7.89 -43.56 9.62
C PRO A 387 -7.14 -42.66 10.61
N GLN A 388 -6.92 -43.18 11.81
CA GLN A 388 -6.21 -42.42 12.87
C GLN A 388 -4.83 -42.03 12.41
N HIS A 389 -4.45 -40.78 12.66
CA HIS A 389 -3.09 -40.25 12.39
C HIS A 389 -2.76 -40.32 10.89
N ALA A 390 -3.75 -40.32 10.01
CA ALA A 390 -3.52 -40.25 8.55
C ALA A 390 -3.26 -38.80 8.11
N PHE A 391 -3.74 -37.83 8.87
CA PHE A 391 -3.87 -36.43 8.41
C PHE A 391 -3.36 -35.57 9.56
N LYS A 392 -2.15 -35.04 9.44
CA LYS A 392 -1.47 -34.36 10.57
C LYS A 392 -0.96 -32.98 10.17
N PRO A 393 -1.73 -32.12 9.46
CA PRO A 393 -1.19 -30.81 9.08
C PRO A 393 -0.98 -29.85 10.26
N PHE A 394 -1.57 -30.16 11.42
CA PHE A 394 -1.51 -29.32 12.65
C PHE A 394 -0.73 -30.05 13.74
N GLY A 395 0.07 -31.04 13.37
CA GLY A 395 0.88 -31.78 14.35
C GLY A 395 0.04 -32.76 15.15
N ASN A 396 0.48 -33.03 16.38
CA ASN A 396 -0.07 -34.17 17.14
C ASN A 396 -0.28 -33.85 18.61
N GLY A 397 -1.40 -34.32 19.16
CA GLY A 397 -1.64 -34.46 20.60
C GLY A 397 -1.58 -33.12 21.31
N GLN A 398 -1.05 -33.10 22.54
CA GLN A 398 -1.04 -31.86 23.34
C GLN A 398 -0.12 -30.82 22.69
N ARG A 399 0.82 -31.22 21.83
CA ARG A 399 1.74 -30.29 21.14
C ARG A 399 1.22 -29.97 19.72
N ALA A 400 -0.07 -30.25 19.45
CA ALA A 400 -0.73 -29.85 18.21
C ALA A 400 -0.86 -28.33 18.19
N CYS A 401 -1.06 -27.81 16.99
CA CYS A 401 -1.25 -26.38 16.74
C CYS A 401 -2.35 -25.81 17.64
N ILE A 402 -2.01 -24.87 18.50
CA ILE A 402 -3.05 -24.16 19.30
C ILE A 402 -3.87 -23.25 18.36
N GLY A 403 -3.28 -22.83 17.24
CA GLY A 403 -3.90 -21.86 16.31
C GLY A 403 -4.81 -22.51 15.28
N GLN A 404 -5.07 -23.82 15.36
CA GLN A 404 -5.76 -24.56 14.28
C GLN A 404 -7.13 -23.93 14.00
N GLN A 405 -7.91 -23.67 15.04
CA GLN A 405 -9.28 -23.09 14.86
C GLN A 405 -9.18 -21.69 14.25
N PHE A 406 -8.21 -20.91 14.72
CA PHE A 406 -7.94 -19.54 14.24
C PHE A 406 -7.61 -19.57 12.75
N ALA A 407 -6.67 -20.42 12.37
CA ALA A 407 -6.19 -20.53 10.98
C ALA A 407 -7.35 -20.97 10.09
N LEU A 408 -8.11 -21.99 10.52
CA LEU A 408 -9.17 -22.54 9.62
C LEU A 408 -10.34 -21.56 9.55
N HIS A 409 -10.60 -20.80 10.61
CA HIS A 409 -11.68 -19.79 10.58
C HIS A 409 -11.25 -18.70 9.59
N GLU A 410 -10.05 -18.18 9.75
CA GLU A 410 -9.55 -17.12 8.84
C GLU A 410 -9.57 -17.64 7.38
N ALA A 411 -8.99 -18.81 7.13
CA ALA A 411 -8.83 -19.34 5.75
C ALA A 411 -10.21 -19.57 5.14
N THR A 412 -11.16 -20.07 5.92
CA THR A 412 -12.53 -20.35 5.44
C THR A 412 -13.22 -19.03 5.08
N LEU A 413 -13.17 -18.06 5.99
CA LEU A 413 -13.76 -16.71 5.75
C LEU A 413 -13.17 -16.11 4.47
N VAL A 414 -11.83 -16.10 4.38
CA VAL A 414 -11.15 -15.39 3.27
C VAL A 414 -11.44 -16.10 1.95
N LEU A 415 -11.32 -17.42 1.94
CA LEU A 415 -11.52 -18.16 0.67
C LEU A 415 -13.00 -18.06 0.26
N GLY A 416 -13.91 -18.12 1.23
CA GLY A 416 -15.35 -17.89 0.99
C GLY A 416 -15.58 -16.55 0.28
N MET A 417 -15.01 -15.48 0.83
CA MET A 417 -15.18 -14.12 0.27
C MET A 417 -14.55 -14.03 -1.13
N MET A 418 -13.36 -14.60 -1.29
CA MET A 418 -12.66 -14.66 -2.61
C MET A 418 -13.56 -15.33 -3.65
N LEU A 419 -14.14 -16.48 -3.30
CA LEU A 419 -15.01 -17.25 -4.22
C LEU A 419 -16.35 -16.54 -4.43
N LYS A 420 -16.84 -15.79 -3.46
CA LYS A 420 -18.10 -15.03 -3.63
C LYS A 420 -17.87 -13.87 -4.61
N HIS A 421 -16.76 -13.17 -4.48
CA HIS A 421 -16.56 -11.85 -5.12
C HIS A 421 -15.90 -11.93 -6.50
N PHE A 422 -15.18 -12.99 -6.82
CA PHE A 422 -14.37 -13.05 -8.07
C PHE A 422 -14.44 -14.42 -8.73
N ASP A 423 -14.35 -14.37 -10.07
CA ASP A 423 -13.95 -15.51 -10.91
C ASP A 423 -12.42 -15.41 -11.03
N PHE A 424 -11.74 -16.54 -11.14
CA PHE A 424 -10.27 -16.58 -11.19
C PHE A 424 -9.81 -17.23 -12.49
N GLU A 425 -8.73 -16.69 -13.04
CA GLU A 425 -8.08 -17.18 -14.27
C GLU A 425 -6.63 -17.51 -13.92
N ASP A 426 -6.22 -18.73 -14.22
CA ASP A 426 -4.80 -19.18 -14.23
C ASP A 426 -4.20 -18.71 -15.56
N HIS A 427 -4.01 -17.41 -15.71
CA HIS A 427 -3.69 -16.77 -17.02
C HIS A 427 -2.31 -17.15 -17.52
N THR A 428 -1.40 -17.62 -16.66
CA THR A 428 -0.02 -17.98 -17.08
C THR A 428 0.15 -19.49 -17.19
N ASN A 429 -0.89 -20.28 -16.91
CA ASN A 429 -0.78 -21.75 -16.76
C ASN A 429 0.36 -22.04 -15.79
N TYR A 430 0.21 -21.55 -14.57
CA TYR A 430 1.31 -21.49 -13.59
C TYR A 430 1.84 -22.90 -13.34
N GLU A 431 3.17 -23.02 -13.35
CA GLU A 431 3.87 -24.27 -13.02
C GLU A 431 4.26 -24.20 -11.54
N LEU A 432 3.72 -25.09 -10.73
CA LEU A 432 3.99 -25.07 -9.27
C LEU A 432 5.50 -25.10 -9.02
N ASP A 433 5.95 -24.15 -8.21
CA ASP A 433 7.33 -23.94 -7.75
C ASP A 433 7.24 -23.61 -6.26
N ILE A 434 7.70 -24.50 -5.41
CA ILE A 434 7.43 -24.40 -3.96
C ILE A 434 8.68 -23.87 -3.27
N LYS A 435 8.53 -22.70 -2.68
CA LYS A 435 9.58 -22.01 -1.90
C LYS A 435 9.48 -22.51 -0.46
N GLU A 436 10.62 -22.76 0.18
CA GLU A 436 10.66 -23.30 1.56
C GLU A 436 11.27 -22.24 2.49
N THR A 437 10.53 -21.86 3.52
CA THR A 437 11.00 -21.09 4.70
C THR A 437 10.89 -22.02 5.91
N LEU A 438 10.19 -21.63 6.96
CA LEU A 438 9.69 -22.63 7.94
C LEU A 438 8.61 -23.43 7.21
N THR A 439 8.01 -22.83 6.18
CA THR A 439 6.80 -23.38 5.53
C THR A 439 7.01 -23.48 4.03
N LEU A 440 6.06 -24.14 3.38
CA LEU A 440 5.96 -24.29 1.91
C LEU A 440 4.98 -23.25 1.36
N LYS A 441 5.35 -22.56 0.28
CA LYS A 441 4.44 -21.63 -0.42
C LYS A 441 4.68 -21.77 -1.91
N PRO A 442 3.63 -21.61 -2.74
CA PRO A 442 3.76 -21.64 -4.19
C PRO A 442 4.37 -20.33 -4.75
N GLU A 443 5.69 -20.30 -4.95
CA GLU A 443 6.40 -19.06 -5.36
C GLU A 443 6.00 -18.65 -6.78
N GLY A 444 5.79 -17.35 -6.99
CA GLY A 444 5.45 -16.84 -8.33
C GLY A 444 4.04 -17.18 -8.76
N PHE A 445 3.21 -17.74 -7.87
CA PHE A 445 1.80 -18.04 -8.22
C PHE A 445 1.06 -16.72 -8.42
N VAL A 446 0.53 -16.55 -9.62
CA VAL A 446 -0.23 -15.34 -10.02
C VAL A 446 -1.54 -15.79 -10.67
N VAL A 447 -2.58 -14.99 -10.51
CA VAL A 447 -3.88 -15.21 -11.19
C VAL A 447 -4.42 -13.85 -11.61
N LYS A 448 -5.49 -13.90 -12.39
CA LYS A 448 -6.35 -12.72 -12.64
C LYS A 448 -7.71 -13.00 -11.99
N ALA A 449 -8.25 -11.98 -11.34
CA ALA A 449 -9.58 -12.02 -10.72
C ALA A 449 -10.49 -11.09 -11.51
N LYS A 450 -11.59 -11.61 -12.04
CA LYS A 450 -12.65 -10.77 -12.65
C LYS A 450 -13.77 -10.62 -11.63
N SER A 451 -14.05 -9.39 -11.24
CA SER A 451 -15.04 -9.09 -10.19
C SER A 451 -16.40 -9.59 -10.65
N LYS A 452 -17.12 -10.23 -9.74
CA LYS A 452 -18.56 -10.48 -9.92
C LYS A 452 -19.37 -9.22 -9.60
N LYS A 453 -18.72 -8.12 -9.23
CA LYS A 453 -19.39 -6.82 -8.96
C LYS A 453 -20.48 -7.02 -7.90
N ILE A 454 -20.16 -7.70 -6.81
CA ILE A 454 -21.07 -7.83 -5.64
C ILE A 454 -20.54 -6.87 -4.58
N PRO A 455 -21.32 -5.82 -4.22
CA PRO A 455 -20.88 -4.85 -3.23
C PRO A 455 -20.63 -5.44 -1.84
N LEU A 456 -19.73 -4.80 -1.11
CA LEU A 456 -19.49 -5.00 0.35
C LEU A 456 -20.36 -4.04 1.16
N ILE B 3 7.50 57.60 -17.09
CA ILE B 3 8.36 56.57 -17.80
C ILE B 3 9.62 56.33 -16.94
N LYS B 4 9.76 55.11 -16.41
CA LYS B 4 10.74 54.72 -15.37
C LYS B 4 11.70 53.64 -15.89
N GLU B 5 12.94 53.69 -15.41
CA GLU B 5 13.92 52.58 -15.55
C GLU B 5 13.55 51.48 -14.54
N MET B 6 13.54 50.24 -15.00
CA MET B 6 13.06 49.08 -14.22
C MET B 6 14.17 48.59 -13.32
N PRO B 7 13.91 48.32 -12.03
CA PRO B 7 14.90 47.70 -11.16
C PRO B 7 15.30 46.32 -11.70
N GLN B 8 16.52 45.90 -11.38
CA GLN B 8 17.06 44.59 -11.81
C GLN B 8 17.91 44.04 -10.68
N PRO B 9 17.85 42.72 -10.38
CA PRO B 9 18.68 42.17 -9.32
C PRO B 9 20.13 42.00 -9.77
N LYS B 10 20.97 41.57 -8.85
CA LYS B 10 22.44 41.47 -9.05
C LYS B 10 22.78 40.55 -10.23
N THR B 11 23.86 40.87 -10.94
CA THR B 11 24.27 40.17 -12.17
C THR B 11 25.56 39.37 -11.95
N PHE B 12 25.80 38.44 -12.87
CA PHE B 12 26.92 37.48 -12.84
C PHE B 12 27.65 37.55 -14.20
N GLY B 13 28.15 38.72 -14.54
CA GLY B 13 28.89 38.92 -15.80
C GLY B 13 28.03 38.51 -16.98
N GLU B 14 28.54 37.69 -17.89
CA GLU B 14 27.86 37.28 -19.16
C GLU B 14 26.59 36.47 -18.86
N LEU B 15 26.47 35.84 -17.68
CA LEU B 15 25.26 35.05 -17.30
C LEU B 15 24.14 35.99 -16.82
N LYS B 16 24.39 37.30 -16.74
CA LYS B 16 23.40 38.31 -16.31
C LYS B 16 22.75 37.81 -15.01
N ASN B 17 21.43 37.66 -14.96
CA ASN B 17 20.72 37.29 -13.70
C ASN B 17 20.59 35.77 -13.55
N LEU B 18 20.93 34.97 -14.57
CA LEU B 18 20.51 33.54 -14.62
C LEU B 18 20.92 32.78 -13.36
N PRO B 19 22.16 32.92 -12.81
CA PRO B 19 22.54 32.14 -11.63
C PRO B 19 21.68 32.38 -10.37
N LEU B 20 20.90 33.45 -10.31
CA LEU B 20 19.99 33.69 -9.16
C LEU B 20 18.98 32.55 -9.05
N LEU B 21 18.67 31.85 -10.15
CA LEU B 21 17.64 30.78 -10.15
C LEU B 21 18.33 29.42 -10.16
N ASN B 22 19.65 29.41 -9.94
CA ASN B 22 20.44 28.18 -9.73
C ASN B 22 20.25 27.77 -8.25
N THR B 23 19.07 27.24 -7.95
CA THR B 23 18.60 26.94 -6.58
C THR B 23 17.48 25.91 -6.72
N ASP B 24 17.24 25.10 -5.70
CA ASP B 24 16.07 24.18 -5.73
C ASP B 24 14.80 24.97 -5.38
N LYS B 25 14.89 26.25 -5.03
CA LYS B 25 13.71 27.10 -4.66
C LYS B 25 13.71 28.42 -5.41
N PRO B 26 13.61 28.37 -6.76
CA PRO B 26 13.66 29.59 -7.56
C PRO B 26 12.48 30.55 -7.33
N VAL B 27 11.28 30.02 -7.13
CA VAL B 27 10.10 30.91 -6.90
C VAL B 27 10.33 31.68 -5.59
N GLN B 28 10.79 31.03 -4.54
CA GLN B 28 11.05 31.69 -3.24
C GLN B 28 12.21 32.70 -3.38
N ALA B 29 13.21 32.38 -4.20
CA ALA B 29 14.29 33.37 -4.54
C ALA B 29 13.68 34.60 -5.22
N LEU B 30 12.75 34.41 -6.16
CA LEU B 30 12.14 35.54 -6.88
C LEU B 30 11.26 36.36 -5.94
N MET B 31 10.58 35.69 -5.01
CA MET B 31 9.78 36.39 -3.96
C MET B 31 10.71 37.32 -3.15
N LYS B 32 11.86 36.82 -2.72
CA LYS B 32 12.84 37.64 -1.93
C LYS B 32 13.31 38.82 -2.79
N ILE B 33 13.55 38.61 -4.09
CA ILE B 33 13.98 39.69 -5.02
C ILE B 33 12.85 40.70 -5.14
N ALA B 34 11.59 40.23 -5.28
CA ALA B 34 10.42 41.14 -5.34
C ALA B 34 10.31 41.95 -4.05
N ASP B 35 10.49 41.32 -2.90
CA ASP B 35 10.43 42.07 -1.61
C ASP B 35 11.48 43.20 -1.62
N GLU B 36 12.66 42.96 -2.21
N GLU B 36 12.65 42.96 -2.21
CA GLU B 36 13.77 43.94 -2.24
CA GLU B 36 13.77 43.94 -2.24
C GLU B 36 13.51 45.02 -3.31
C GLU B 36 13.53 45.01 -3.32
N LEU B 37 13.03 44.63 -4.50
CA LEU B 37 12.97 45.56 -5.67
C LEU B 37 11.56 46.14 -5.90
N GLY B 38 10.51 45.48 -5.39
CA GLY B 38 9.13 46.03 -5.42
C GLY B 38 8.29 45.46 -6.56
N GLU B 39 7.38 46.26 -7.09
CA GLU B 39 6.24 45.75 -7.88
C GLU B 39 6.68 45.21 -9.25
N ILE B 40 7.86 45.58 -9.75
CA ILE B 40 8.32 45.07 -11.07
C ILE B 40 9.84 45.04 -11.07
N PHE B 41 10.41 43.96 -11.59
CA PHE B 41 11.86 43.92 -11.89
C PHE B 41 12.10 43.14 -13.18
N LYS B 42 13.16 43.55 -13.87
CA LYS B 42 13.65 42.96 -15.11
C LYS B 42 14.61 41.86 -14.71
N PHE B 43 14.51 40.73 -15.36
CA PHE B 43 15.39 39.57 -15.15
C PHE B 43 15.98 39.18 -16.50
N GLU B 44 17.30 39.26 -16.62
CA GLU B 44 18.00 39.00 -17.89
C GLU B 44 18.79 37.70 -17.78
N ALA B 45 18.84 36.96 -18.88
CA ALA B 45 19.65 35.73 -19.05
C ALA B 45 20.14 35.81 -20.48
N PRO B 46 21.21 35.06 -20.85
CA PRO B 46 21.68 35.09 -22.23
C PRO B 46 20.48 34.89 -23.16
N GLY B 47 20.23 35.87 -24.03
CA GLY B 47 19.17 35.84 -25.05
C GLY B 47 17.77 35.74 -24.47
N ARG B 48 17.54 36.24 -23.25
CA ARG B 48 16.16 36.29 -22.69
C ARG B 48 16.01 37.46 -21.73
N VAL B 49 14.82 38.08 -21.73
N VAL B 49 14.85 38.12 -21.79
CA VAL B 49 14.42 39.13 -20.76
CA VAL B 49 14.38 39.10 -20.78
C VAL B 49 12.97 38.87 -20.29
C VAL B 49 13.01 38.64 -20.29
N THR B 50 12.82 38.70 -18.97
CA THR B 50 11.53 38.44 -18.29
C THR B 50 11.30 39.61 -17.34
N ARG B 51 10.07 40.08 -17.21
CA ARG B 51 9.71 41.09 -16.19
C ARG B 51 8.79 40.42 -15.18
N TYR B 52 9.14 40.49 -13.89
CA TYR B 52 8.36 39.87 -12.79
C TYR B 52 7.47 40.92 -12.15
N LEU B 53 6.16 40.65 -12.13
CA LEU B 53 5.12 41.56 -11.58
C LEU B 53 4.66 41.03 -10.23
N SER B 54 4.52 41.92 -9.25
CA SER B 54 4.17 41.57 -7.85
C SER B 54 2.99 42.35 -7.32
N SER B 55 2.63 43.50 -7.93
CA SER B 55 1.57 44.38 -7.41
C SER B 55 0.26 44.13 -8.14
N GLN B 56 -0.86 44.30 -7.45
CA GLN B 56 -2.21 44.22 -8.05
C GLN B 56 -2.32 45.32 -9.11
N ARG B 57 -1.73 46.49 -8.86
CA ARG B 57 -1.90 47.61 -9.81
C ARG B 57 -1.32 47.20 -11.17
N LEU B 58 -0.16 46.53 -11.21
CA LEU B 58 0.46 46.15 -12.50
C LEU B 58 -0.14 44.84 -13.02
N ILE B 59 -0.47 43.92 -12.12
CA ILE B 59 -1.00 42.59 -12.53
C ILE B 59 -2.42 42.74 -13.10
N LYS B 60 -3.22 43.69 -12.60
CA LYS B 60 -4.59 43.91 -13.15
C LYS B 60 -4.45 44.30 -14.64
N GLU B 61 -3.43 45.10 -14.97
CA GLU B 61 -3.20 45.56 -16.36
C GLU B 61 -2.75 44.36 -17.19
N ALA B 62 -1.86 43.54 -16.63
CA ALA B 62 -1.32 42.34 -17.30
C ALA B 62 -2.46 41.39 -17.65
N CYS B 63 -3.51 41.36 -16.83
CA CYS B 63 -4.67 40.44 -16.92
C CYS B 63 -5.74 40.99 -17.88
N ASP B 64 -5.47 42.15 -18.49
CA ASP B 64 -6.30 42.68 -19.58
C ASP B 64 -6.01 41.88 -20.85
N GLU B 65 -6.94 41.00 -21.23
CA GLU B 65 -6.78 40.06 -22.36
C GLU B 65 -6.72 40.79 -23.70
N SER B 66 -7.20 42.03 -23.78
CA SER B 66 -7.08 42.85 -25.02
C SER B 66 -5.62 43.24 -25.23
N ARG B 67 -4.80 43.27 -24.17
CA ARG B 67 -3.41 43.80 -24.23
C ARG B 67 -2.38 42.67 -24.09
N PHE B 68 -2.71 41.62 -23.35
CA PHE B 68 -1.76 40.52 -23.02
C PHE B 68 -2.47 39.17 -23.12
N ASP B 69 -1.73 38.18 -23.59
CA ASP B 69 -2.22 36.79 -23.75
C ASP B 69 -1.27 35.89 -22.96
N LYS B 70 -1.74 34.69 -22.68
CA LYS B 70 -0.90 33.69 -22.00
C LYS B 70 0.35 33.47 -22.83
N ASN B 71 1.49 33.47 -22.16
CA ASN B 71 2.81 33.09 -22.71
C ASN B 71 3.12 31.69 -22.21
N LEU B 72 3.75 30.85 -23.04
CA LEU B 72 4.44 29.64 -22.51
C LEU B 72 5.78 30.11 -21.95
N SER B 73 5.89 30.12 -20.63
CA SER B 73 7.18 30.24 -19.93
C SER B 73 8.09 29.15 -20.48
N GLN B 74 9.40 29.32 -20.31
CA GLN B 74 10.36 28.27 -20.67
C GLN B 74 9.99 26.97 -19.94
N ALA B 75 9.59 27.06 -18.66
CA ALA B 75 9.08 25.90 -17.89
C ALA B 75 8.00 25.20 -18.70
N LEU B 76 6.98 25.92 -19.16
CA LEU B 76 5.86 25.29 -19.93
C LEU B 76 6.35 24.80 -21.30
N LYS B 77 7.30 25.49 -21.94
CA LYS B 77 7.87 25.00 -23.23
C LYS B 77 8.52 23.65 -23.01
N PHE B 78 9.20 23.45 -21.88
CA PHE B 78 9.83 22.15 -21.57
C PHE B 78 8.75 21.12 -21.21
N VAL B 79 7.72 21.51 -20.48
CA VAL B 79 6.63 20.55 -20.11
C VAL B 79 5.91 20.13 -21.39
N ARG B 80 5.83 21.04 -22.37
CA ARG B 80 5.14 20.77 -23.67
C ARG B 80 5.78 19.57 -24.39
N ASP B 81 7.05 19.25 -24.15
CA ASP B 81 7.66 18.02 -24.71
C ASP B 81 6.88 16.77 -24.30
N PHE B 82 6.09 16.76 -23.22
CA PHE B 82 5.22 15.61 -22.89
C PHE B 82 3.73 15.97 -22.73
N ALA B 83 3.39 17.23 -22.44
CA ALA B 83 1.97 17.67 -22.34
C ALA B 83 1.49 18.18 -23.69
N GLY B 84 2.38 18.30 -24.68
CA GLY B 84 2.03 18.63 -26.07
C GLY B 84 1.16 19.87 -26.16
N ASP B 85 0.15 19.82 -27.02
CA ASP B 85 -0.80 20.93 -27.23
C ASP B 85 -2.06 20.62 -26.44
N GLY B 86 -1.89 20.07 -25.23
CA GLY B 86 -2.97 20.00 -24.24
C GLY B 86 -3.31 21.42 -23.83
N LEU B 87 -4.36 21.59 -23.04
CA LEU B 87 -4.89 22.96 -22.74
C LEU B 87 -3.85 23.82 -22.04
N PHE B 88 -3.01 23.22 -21.20
CA PHE B 88 -2.08 23.97 -20.33
C PHE B 88 -0.87 24.49 -21.11
N THR B 89 -0.40 23.72 -22.10
CA THR B 89 0.86 24.00 -22.82
C THR B 89 0.59 24.39 -24.28
N SER B 90 -0.64 24.77 -24.63
N SER B 90 -0.65 24.76 -24.60
CA SER B 90 -1.00 25.29 -25.96
CA SER B 90 -1.08 25.31 -25.91
C SER B 90 -1.10 26.81 -25.93
C SER B 90 -1.00 26.84 -25.88
N TRP B 91 -0.70 27.43 -27.02
CA TRP B 91 -0.89 28.88 -27.23
C TRP B 91 -2.38 29.08 -27.52
N THR B 92 -2.91 30.24 -27.13
CA THR B 92 -4.33 30.59 -27.32
C THR B 92 -4.69 30.50 -28.81
N HIS B 93 -3.74 30.82 -29.68
CA HIS B 93 -3.97 30.92 -31.14
C HIS B 93 -3.80 29.56 -31.83
N GLU B 94 -3.37 28.51 -31.14
CA GLU B 94 -3.30 27.17 -31.74
C GLU B 94 -4.73 26.62 -31.82
N LYS B 95 -5.08 26.09 -32.98
CA LYS B 95 -6.44 25.51 -33.20
C LYS B 95 -6.84 24.61 -32.02
N ASN B 96 -5.96 23.75 -31.53
CA ASN B 96 -6.35 22.75 -30.51
C ASN B 96 -6.65 23.41 -29.15
N TRP B 97 -6.25 24.66 -28.90
CA TRP B 97 -6.58 25.30 -27.60
C TRP B 97 -8.09 25.52 -27.55
N LYS B 98 -8.63 26.34 -28.46
N LYS B 98 -8.65 26.35 -28.44
CA LYS B 98 -10.08 26.72 -28.43
CA LYS B 98 -10.09 26.71 -28.36
C LYS B 98 -10.93 25.47 -28.61
C LYS B 98 -10.94 25.46 -28.61
N LYS B 99 -10.47 24.55 -29.46
CA LYS B 99 -11.20 23.31 -29.75
C LYS B 99 -11.36 22.50 -28.45
N ALA B 100 -10.26 22.22 -27.76
CA ALA B 100 -10.30 21.42 -26.52
C ALA B 100 -11.05 22.19 -25.42
N HIS B 101 -10.85 23.51 -25.35
CA HIS B 101 -11.51 24.39 -24.37
C HIS B 101 -13.04 24.25 -24.52
N ASN B 102 -13.54 24.38 -25.75
CA ASN B 102 -15.00 24.28 -26.00
C ASN B 102 -15.51 22.89 -25.63
N ILE B 103 -14.75 21.85 -25.95
CA ILE B 103 -15.21 20.45 -25.68
C ILE B 103 -15.19 20.20 -24.17
N LEU B 104 -14.17 20.66 -23.47
CA LEU B 104 -13.94 20.26 -22.07
C LEU B 104 -14.63 21.18 -21.08
N LEU B 105 -14.93 22.43 -21.44
CA LEU B 105 -15.52 23.36 -20.44
C LEU B 105 -16.72 22.73 -19.73
N PRO B 106 -17.70 22.13 -20.46
CA PRO B 106 -18.89 21.57 -19.80
C PRO B 106 -18.60 20.40 -18.84
N SER B 107 -17.50 19.68 -19.10
N SER B 107 -17.52 19.65 -19.07
CA SER B 107 -17.02 18.54 -18.28
CA SER B 107 -17.15 18.52 -18.20
C SER B 107 -16.46 19.04 -16.95
C SER B 107 -16.34 19.02 -16.98
N PHE B 108 -16.10 20.34 -16.85
CA PHE B 108 -15.39 20.91 -15.68
C PHE B 108 -16.27 21.92 -14.93
N SER B 109 -17.54 22.01 -15.31
CA SER B 109 -18.46 23.02 -14.74
C SER B 109 -18.82 22.61 -13.31
N GLN B 110 -19.32 23.56 -12.51
CA GLN B 110 -19.78 23.25 -11.15
C GLN B 110 -20.79 22.10 -11.24
N GLN B 111 -21.65 22.14 -12.24
CA GLN B 111 -22.70 21.11 -12.49
C GLN B 111 -22.08 19.74 -12.75
N ALA B 112 -20.98 19.68 -13.52
CA ALA B 112 -20.29 18.40 -13.80
C ALA B 112 -19.76 17.76 -12.51
N MET B 113 -19.54 18.55 -11.46
CA MET B 113 -18.91 18.02 -10.23
C MET B 113 -19.83 17.00 -9.56
N LYS B 114 -21.15 17.10 -9.77
CA LYS B 114 -22.12 16.13 -9.21
C LYS B 114 -21.78 14.74 -9.75
N GLY B 115 -21.32 14.67 -11.00
CA GLY B 115 -20.97 13.41 -11.66
C GLY B 115 -19.66 12.81 -11.15
N TYR B 116 -18.69 13.62 -10.72
CA TYR B 116 -17.35 13.14 -10.30
C TYR B 116 -17.34 12.85 -8.80
N HIS B 117 -18.35 13.37 -8.09
CA HIS B 117 -18.40 13.37 -6.61
C HIS B 117 -18.17 11.96 -6.06
N ALA B 118 -18.88 10.95 -6.55
CA ALA B 118 -18.82 9.56 -6.01
C ALA B 118 -17.38 9.03 -6.15
N MET B 119 -16.68 9.36 -7.25
CA MET B 119 -15.31 8.86 -7.47
C MET B 119 -14.35 9.63 -6.55
N MET B 120 -14.58 10.91 -6.32
CA MET B 120 -13.75 11.66 -5.34
C MET B 120 -13.94 11.05 -3.95
N VAL B 121 -15.18 10.71 -3.57
CA VAL B 121 -15.46 10.09 -2.25
C VAL B 121 -14.70 8.75 -2.15
N ASP B 122 -14.66 7.99 -3.23
CA ASP B 122 -13.96 6.67 -3.20
C ASP B 122 -12.54 6.90 -2.69
N ILE B 123 -11.80 7.82 -3.31
CA ILE B 123 -10.40 8.08 -2.92
C ILE B 123 -10.35 8.73 -1.52
N ALA B 124 -11.22 9.68 -1.23
CA ALA B 124 -11.20 10.38 0.08
C ALA B 124 -11.41 9.35 1.20
N VAL B 125 -12.35 8.43 1.02
CA VAL B 125 -12.59 7.35 2.01
C VAL B 125 -11.30 6.52 2.17
N GLN B 126 -10.56 6.22 1.10
CA GLN B 126 -9.27 5.48 1.23
C GLN B 126 -8.29 6.24 2.13
N LEU B 127 -8.18 7.56 1.95
N LEU B 127 -8.19 7.56 1.95
CA LEU B 127 -7.33 8.41 2.82
CA LEU B 127 -7.34 8.43 2.80
C LEU B 127 -7.78 8.27 4.28
C LEU B 127 -7.77 8.31 4.28
N VAL B 128 -9.06 8.47 4.56
CA VAL B 128 -9.60 8.44 5.94
C VAL B 128 -9.35 7.05 6.54
N GLN B 129 -9.63 5.98 5.80
N GLN B 129 -9.65 5.99 5.79
CA GLN B 129 -9.40 4.59 6.30
CA GLN B 129 -9.41 4.57 6.22
C GLN B 129 -7.91 4.39 6.57
C GLN B 129 -7.93 4.40 6.56
N LYS B 130 -7.02 4.90 5.73
CA LYS B 130 -5.56 4.79 5.96
C LYS B 130 -5.23 5.40 7.33
N TRP B 131 -5.72 6.61 7.58
CA TRP B 131 -5.41 7.33 8.84
C TRP B 131 -6.10 6.66 10.01
N GLU B 132 -7.31 6.14 9.85
CA GLU B 132 -7.99 5.40 10.94
C GLU B 132 -7.16 4.19 11.35
N ARG B 133 -6.40 3.63 10.41
CA ARG B 133 -5.69 2.34 10.60
C ARG B 133 -4.25 2.57 11.08
N LEU B 134 -3.83 3.83 11.29
CA LEU B 134 -2.49 4.07 11.89
C LEU B 134 -2.53 3.66 13.36
N ASN B 135 -1.39 3.18 13.82
CA ASN B 135 -1.13 2.83 15.24
C ASN B 135 -0.83 4.12 16.03
N ALA B 136 -1.02 4.06 17.35
CA ALA B 136 -0.78 5.19 18.28
C ALA B 136 0.57 5.86 18.03
N ASP B 137 1.64 5.08 17.80
CA ASP B 137 3.03 5.64 17.77
C ASP B 137 3.33 6.32 16.42
N GLU B 138 2.42 6.30 15.45
CA GLU B 138 2.73 6.61 14.03
C GLU B 138 2.32 8.04 13.70
N HIS B 139 2.87 8.56 12.62
CA HIS B 139 2.49 9.91 12.13
C HIS B 139 2.05 9.81 10.67
N ILE B 140 1.53 10.92 10.17
CA ILE B 140 1.10 11.12 8.77
C ILE B 140 2.18 11.95 8.06
N GLU B 141 2.61 11.47 6.89
CA GLU B 141 3.41 12.27 5.92
C GLU B 141 2.43 13.01 5.03
N VAL B 142 2.22 14.30 5.29
CA VAL B 142 1.03 15.03 4.77
C VAL B 142 1.10 15.17 3.26
N PRO B 143 2.09 15.87 2.66
CA PRO B 143 2.10 16.02 1.20
C PRO B 143 2.16 14.65 0.48
N GLU B 144 2.83 13.68 1.08
CA GLU B 144 2.88 12.30 0.50
C GLU B 144 1.46 11.74 0.37
N ASP B 145 0.67 11.73 1.46
CA ASP B 145 -0.71 11.19 1.41
C ASP B 145 -1.62 12.08 0.57
N MET B 146 -1.45 13.41 0.62
CA MET B 146 -2.33 14.30 -0.18
C MET B 146 -2.05 14.04 -1.67
N THR B 147 -0.80 13.73 -2.03
CA THR B 147 -0.41 13.46 -3.43
C THR B 147 -0.97 12.10 -3.87
N ARG B 148 -0.92 11.09 -3.00
CA ARG B 148 -1.56 9.77 -3.26
C ARG B 148 -3.03 10.02 -3.58
N LEU B 149 -3.67 10.88 -2.78
CA LEU B 149 -5.11 11.14 -2.90
C LEU B 149 -5.40 11.82 -4.25
N THR B 150 -4.80 12.99 -4.50
CA THR B 150 -5.26 13.87 -5.61
C THR B 150 -4.85 13.25 -6.95
N LEU B 151 -3.69 12.59 -7.02
CA LEU B 151 -3.34 11.80 -8.22
C LEU B 151 -4.42 10.75 -8.45
N ASP B 152 -4.76 9.97 -7.41
CA ASP B 152 -5.71 8.86 -7.60
C ASP B 152 -7.07 9.42 -8.02
N THR B 153 -7.49 10.55 -7.47
CA THR B 153 -8.80 11.15 -7.81
C THR B 153 -8.86 11.44 -9.30
N ILE B 154 -7.84 12.12 -9.83
CA ILE B 154 -7.88 12.52 -11.26
C ILE B 154 -7.64 11.30 -12.15
N GLY B 155 -6.94 10.27 -11.68
CA GLY B 155 -6.84 9.00 -12.41
C GLY B 155 -8.23 8.39 -12.59
N LEU B 156 -9.01 8.39 -11.51
CA LEU B 156 -10.34 7.75 -11.53
C LEU B 156 -11.31 8.63 -12.33
N CYS B 157 -11.39 9.93 -12.06
CA CYS B 157 -12.30 10.87 -12.77
C CYS B 157 -11.81 11.14 -14.20
N GLY B 158 -10.51 11.13 -14.44
CA GLY B 158 -9.92 11.43 -15.75
C GLY B 158 -10.15 10.29 -16.74
N PHE B 159 -9.83 9.05 -16.35
CA PHE B 159 -9.90 7.92 -17.31
C PHE B 159 -10.17 6.59 -16.61
N ASN B 160 -10.89 6.63 -15.49
CA ASN B 160 -11.37 5.42 -14.77
C ASN B 160 -10.18 4.48 -14.55
N TYR B 161 -9.01 5.02 -14.26
CA TYR B 161 -7.81 4.21 -14.00
C TYR B 161 -7.43 4.36 -12.52
N ARG B 162 -7.15 3.25 -11.84
CA ARG B 162 -6.77 3.27 -10.41
C ARG B 162 -5.25 3.20 -10.30
N PHE B 163 -4.60 4.29 -9.91
CA PHE B 163 -3.15 4.26 -9.64
C PHE B 163 -2.88 3.48 -8.34
N ASN B 164 -3.92 3.32 -7.53
CA ASN B 164 -3.85 2.54 -6.26
C ASN B 164 -2.67 3.05 -5.40
N SER B 165 -2.54 4.36 -5.27
CA SER B 165 -1.39 4.99 -4.56
C SER B 165 -1.40 4.62 -3.06
N PHE B 166 -2.55 4.30 -2.49
CA PHE B 166 -2.64 3.94 -1.05
C PHE B 166 -2.26 2.47 -0.87
N TYR B 167 -1.95 1.75 -1.95
CA TYR B 167 -1.48 0.34 -1.88
C TYR B 167 0.03 0.25 -2.02
N ARG B 168 0.72 1.40 -2.06
CA ARG B 168 2.14 1.49 -2.49
C ARG B 168 2.94 2.42 -1.60
N ASP B 169 4.21 2.07 -1.42
CA ASP B 169 5.30 2.96 -0.94
C ASP B 169 5.83 3.74 -2.14
N GLN B 170 6.31 3.03 -3.15
CA GLN B 170 6.92 3.60 -4.38
C GLN B 170 5.81 3.85 -5.39
N PRO B 171 5.80 5.03 -6.06
CA PRO B 171 4.68 5.40 -6.90
C PRO B 171 4.54 4.38 -8.04
N HIS B 172 3.34 4.28 -8.60
CA HIS B 172 3.07 3.65 -9.91
C HIS B 172 4.17 4.07 -10.88
N PRO B 173 4.72 3.15 -11.72
CA PRO B 173 5.77 3.49 -12.68
C PRO B 173 5.48 4.74 -13.54
N PHE B 174 4.24 4.89 -13.99
CA PHE B 174 3.80 6.05 -14.80
C PHE B 174 4.14 7.34 -14.04
N ILE B 175 3.89 7.33 -12.74
CA ILE B 175 4.08 8.53 -11.86
C ILE B 175 5.57 8.79 -11.66
N THR B 176 6.37 7.75 -11.45
N THR B 176 6.41 7.78 -11.43
CA THR B 176 7.85 7.91 -11.35
CA THR B 176 7.88 8.04 -11.32
C THR B 176 8.35 8.57 -12.63
C THR B 176 8.38 8.60 -12.65
N SER B 177 7.86 8.17 -13.80
CA SER B 177 8.22 8.76 -15.12
C SER B 177 7.75 10.22 -15.19
N MET B 178 6.50 10.49 -14.79
CA MET B 178 5.92 11.85 -14.88
C MET B 178 6.70 12.79 -13.96
N VAL B 179 6.95 12.38 -12.71
CA VAL B 179 7.70 13.22 -11.73
C VAL B 179 9.09 13.48 -12.28
N ARG B 180 9.74 12.47 -12.84
CA ARG B 180 11.12 12.62 -13.36
C ARG B 180 11.12 13.52 -14.60
N ALA B 181 10.09 13.46 -15.45
CA ALA B 181 9.96 14.33 -16.62
C ALA B 181 9.75 15.77 -16.14
N LEU B 182 8.91 15.97 -15.12
CA LEU B 182 8.63 17.33 -14.57
C LEU B 182 9.93 17.88 -13.96
N ASP B 183 10.72 17.01 -13.31
CA ASP B 183 12.00 17.40 -12.66
C ASP B 183 12.99 17.84 -13.74
N GLU B 184 13.14 17.04 -14.79
CA GLU B 184 14.01 17.35 -15.96
C GLU B 184 13.56 18.70 -16.54
N ALA B 185 12.26 18.91 -16.76
CA ALA B 185 11.74 20.15 -17.38
C ALA B 185 12.18 21.36 -16.55
N MET B 186 11.99 21.28 -15.24
CA MET B 186 12.36 22.42 -14.34
C MET B 186 13.89 22.53 -14.21
N ASN B 187 14.63 21.42 -14.16
CA ASN B 187 16.11 21.47 -14.01
C ASN B 187 16.74 22.14 -15.26
N LYS B 188 16.15 21.93 -16.44
CA LYS B 188 16.70 22.48 -17.70
C LYS B 188 16.68 24.01 -17.66
N LEU B 189 15.85 24.63 -16.83
CA LEU B 189 15.82 26.11 -16.69
C LEU B 189 17.21 26.61 -16.23
N GLN B 190 17.99 25.77 -15.54
CA GLN B 190 19.24 26.19 -14.85
C GLN B 190 20.50 25.76 -15.62
N ARG B 191 20.36 25.06 -16.75
CA ARG B 191 21.53 24.64 -17.57
C ARG B 191 21.94 25.76 -18.52
N ALA B 192 22.95 26.56 -18.14
CA ALA B 192 23.64 27.53 -19.04
C ALA B 192 24.14 26.81 -20.31
N ASN B 193 24.41 25.50 -20.24
CA ASN B 193 24.98 24.68 -21.35
C ASN B 193 24.20 23.39 -21.57
N PRO B 194 22.95 23.44 -22.10
CA PRO B 194 22.12 22.24 -22.24
C PRO B 194 22.69 21.16 -23.19
N ASP B 195 23.62 21.54 -24.07
CA ASP B 195 24.19 20.65 -25.12
C ASP B 195 25.35 19.84 -24.53
N ASP B 196 25.93 20.29 -23.40
CA ASP B 196 27.07 19.60 -22.74
C ASP B 196 26.75 18.11 -22.67
N PRO B 197 27.66 17.21 -23.13
CA PRO B 197 27.39 15.77 -23.11
C PRO B 197 27.19 15.15 -21.72
N ALA B 198 27.52 15.89 -20.65
CA ALA B 198 27.20 15.54 -19.25
C ALA B 198 25.70 15.21 -19.13
N TYR B 199 24.85 15.92 -19.89
CA TYR B 199 23.36 15.85 -19.81
C TYR B 199 22.79 14.78 -20.74
N ASP B 200 23.64 13.97 -21.39
CA ASP B 200 23.18 12.97 -22.39
C ASP B 200 22.35 11.88 -21.70
N GLU B 201 22.64 11.55 -20.44
CA GLU B 201 21.86 10.54 -19.66
C GLU B 201 20.51 11.15 -19.30
N ASN B 202 20.49 12.43 -18.90
CA ASN B 202 19.25 13.19 -18.61
C ASN B 202 18.31 13.07 -19.82
N LYS B 203 18.83 13.25 -21.03
CA LYS B 203 18.04 13.28 -22.29
C LYS B 203 17.51 11.87 -22.63
N ARG B 204 18.32 10.82 -22.46
CA ARG B 204 17.88 9.42 -22.69
C ARG B 204 16.74 9.08 -21.71
N GLN B 205 16.89 9.46 -20.43
CA GLN B 205 15.91 9.14 -19.36
C GLN B 205 14.62 9.90 -19.66
N PHE B 206 14.75 11.13 -20.15
CA PHE B 206 13.60 12.02 -20.47
C PHE B 206 12.78 11.35 -21.58
N GLN B 207 13.45 10.90 -22.64
CA GLN B 207 12.76 10.23 -23.77
C GLN B 207 12.11 8.93 -23.28
N GLU B 208 12.77 8.16 -22.40
CA GLU B 208 12.20 6.91 -21.84
C GLU B 208 10.93 7.25 -21.05
N ASP B 209 10.98 8.32 -20.25
CA ASP B 209 9.86 8.70 -19.34
C ASP B 209 8.67 9.15 -20.17
N ILE B 210 8.91 9.89 -21.25
CA ILE B 210 7.85 10.32 -22.19
C ILE B 210 7.21 9.07 -22.80
N LYS B 211 8.00 8.08 -23.18
CA LYS B 211 7.49 6.82 -23.77
C LYS B 211 6.62 6.08 -22.73
N VAL B 212 7.07 6.01 -21.49
CA VAL B 212 6.29 5.36 -20.40
C VAL B 212 4.92 6.04 -20.31
N MET B 213 4.90 7.37 -20.30
CA MET B 213 3.63 8.13 -20.15
C MET B 213 2.73 7.91 -21.38
N ASN B 214 3.26 8.08 -22.60
CA ASN B 214 2.50 7.92 -23.86
C ASN B 214 1.96 6.48 -23.94
N ASP B 215 2.77 5.49 -23.57
CA ASP B 215 2.41 4.06 -23.75
C ASP B 215 1.17 3.76 -22.91
N LEU B 216 1.17 4.15 -21.63
CA LEU B 216 0.03 3.85 -20.73
C LEU B 216 -1.19 4.62 -21.22
N VAL B 217 -1.07 5.94 -21.45
CA VAL B 217 -2.26 6.76 -21.80
C VAL B 217 -2.79 6.33 -23.17
N ASP B 218 -1.94 6.16 -24.17
CA ASP B 218 -2.35 5.70 -25.53
C ASP B 218 -3.06 4.34 -25.42
N LYS B 219 -2.56 3.44 -24.54
CA LYS B 219 -3.18 2.09 -24.35
C LYS B 219 -4.57 2.24 -23.74
N ILE B 220 -4.73 3.08 -22.72
CA ILE B 220 -6.05 3.25 -22.06
C ILE B 220 -7.03 3.85 -23.07
N ILE B 221 -6.56 4.77 -23.92
CA ILE B 221 -7.45 5.41 -24.92
C ILE B 221 -7.89 4.31 -25.91
N ALA B 222 -6.93 3.57 -26.47
CA ALA B 222 -7.18 2.47 -27.43
C ALA B 222 -8.12 1.43 -26.80
N ASP B 223 -7.88 1.04 -25.54
CA ASP B 223 -8.71 0.02 -24.85
C ASP B 223 -10.15 0.53 -24.71
N ARG B 224 -10.33 1.80 -24.34
CA ARG B 224 -11.68 2.36 -24.16
C ARG B 224 -12.40 2.42 -25.53
N LYS B 225 -11.72 2.82 -26.59
CA LYS B 225 -12.33 2.90 -27.95
C LYS B 225 -12.71 1.49 -28.42
N ALA B 226 -11.89 0.49 -28.12
CA ALA B 226 -12.14 -0.92 -28.52
C ALA B 226 -13.39 -1.44 -27.78
N SER B 227 -13.49 -1.21 -26.46
CA SER B 227 -14.58 -1.75 -25.60
C SER B 227 -15.92 -1.07 -25.93
N GLY B 228 -15.89 0.21 -26.30
CA GLY B 228 -17.10 1.04 -26.47
C GLY B 228 -17.72 1.44 -25.14
N GLU B 229 -17.09 1.08 -24.02
CA GLU B 229 -17.63 1.31 -22.66
C GLU B 229 -17.82 2.83 -22.49
N GLN B 230 -18.95 3.24 -21.92
CA GLN B 230 -19.25 4.66 -21.57
C GLN B 230 -19.18 4.77 -20.05
N SER B 231 -18.38 5.69 -19.52
CA SER B 231 -18.19 5.90 -18.05
C SER B 231 -18.46 7.37 -17.69
N ASP B 232 -18.28 7.70 -16.41
N ASP B 232 -18.32 7.73 -16.42
CA ASP B 232 -18.50 9.05 -15.81
CA ASP B 232 -18.56 9.10 -15.92
C ASP B 232 -17.25 9.91 -15.95
C ASP B 232 -17.23 9.87 -15.92
N ASP B 233 -16.34 9.58 -16.87
CA ASP B 233 -14.96 10.14 -16.85
C ASP B 233 -14.72 11.11 -18.00
N LEU B 234 -13.67 11.89 -17.86
CA LEU B 234 -13.24 12.88 -18.88
C LEU B 234 -12.92 12.17 -20.18
N LEU B 235 -12.37 10.94 -20.12
CA LEU B 235 -12.02 10.20 -21.34
C LEU B 235 -13.28 9.98 -22.20
N THR B 236 -14.37 9.48 -21.63
CA THR B 236 -15.64 9.29 -22.37
C THR B 236 -16.07 10.63 -23.00
N HIS B 237 -16.05 11.72 -22.23
CA HIS B 237 -16.47 13.06 -22.72
C HIS B 237 -15.60 13.42 -23.92
N MET B 238 -14.29 13.19 -23.84
CA MET B 238 -13.36 13.57 -24.94
C MET B 238 -13.54 12.66 -26.16
N LEU B 239 -13.88 11.38 -25.95
CA LEU B 239 -14.16 10.47 -27.10
C LEU B 239 -15.48 10.84 -27.78
N ASN B 240 -16.44 11.40 -27.07
CA ASN B 240 -17.80 11.67 -27.63
C ASN B 240 -17.99 13.13 -28.01
N GLY B 241 -17.16 14.03 -27.49
CA GLY B 241 -17.42 15.47 -27.58
C GLY B 241 -17.07 15.98 -28.96
N LYS B 242 -17.81 16.98 -29.42
CA LYS B 242 -17.48 17.71 -30.66
C LYS B 242 -17.48 19.20 -30.34
N ASP B 243 -16.47 19.87 -30.85
CA ASP B 243 -16.35 21.33 -30.70
C ASP B 243 -17.46 21.95 -31.55
N PRO B 244 -18.39 22.72 -30.98
CA PRO B 244 -19.40 23.39 -31.80
C PRO B 244 -18.83 24.31 -32.89
N GLU B 245 -17.65 24.89 -32.68
N GLU B 245 -17.65 24.89 -32.69
CA GLU B 245 -17.05 25.83 -33.67
CA GLU B 245 -17.05 25.83 -33.66
C GLU B 245 -16.55 25.04 -34.88
C GLU B 245 -16.54 25.06 -34.88
N THR B 246 -15.54 24.19 -34.69
CA THR B 246 -14.93 23.41 -35.80
C THR B 246 -15.85 22.26 -36.20
N GLY B 247 -16.74 21.83 -35.29
CA GLY B 247 -17.57 20.64 -35.47
C GLY B 247 -16.73 19.38 -35.34
N GLU B 248 -15.46 19.50 -34.93
CA GLU B 248 -14.52 18.35 -34.85
C GLU B 248 -14.41 17.83 -33.42
N PRO B 249 -14.14 16.52 -33.28
CA PRO B 249 -13.77 15.94 -32.00
C PRO B 249 -12.26 16.06 -31.81
N LEU B 250 -11.78 15.88 -30.59
CA LEU B 250 -10.32 15.80 -30.34
C LEU B 250 -9.82 14.50 -30.96
N ASP B 251 -8.65 14.54 -31.58
CA ASP B 251 -7.98 13.30 -32.03
C ASP B 251 -7.33 12.60 -30.84
N ASP B 252 -6.96 11.34 -31.03
CA ASP B 252 -6.45 10.48 -29.93
C ASP B 252 -5.17 11.05 -29.34
N GLU B 253 -4.30 11.64 -30.16
CA GLU B 253 -3.02 12.21 -29.69
C GLU B 253 -3.34 13.37 -28.74
N ASN B 254 -4.24 14.26 -29.15
CA ASN B 254 -4.58 15.42 -28.29
C ASN B 254 -5.26 14.94 -27.02
N ILE B 255 -6.10 13.90 -27.08
CA ILE B 255 -6.74 13.33 -25.86
C ILE B 255 -5.65 12.87 -24.92
N ARG B 256 -4.60 12.23 -25.45
CA ARG B 256 -3.49 11.76 -24.60
C ARG B 256 -2.86 12.96 -23.90
N TYR B 257 -2.59 14.04 -24.63
CA TYR B 257 -2.00 15.25 -24.04
C TYR B 257 -2.93 15.84 -22.97
N GLN B 258 -4.24 15.84 -23.19
CA GLN B 258 -5.17 16.34 -22.15
C GLN B 258 -5.03 15.46 -20.89
N ILE B 259 -4.99 14.14 -21.05
CA ILE B 259 -4.95 13.21 -19.89
C ILE B 259 -3.64 13.41 -19.14
N ILE B 260 -2.53 13.47 -19.84
CA ILE B 260 -1.21 13.75 -19.20
C ILE B 260 -1.31 15.06 -18.43
N THR B 261 -1.89 16.09 -19.05
CA THR B 261 -2.07 17.42 -18.42
C THR B 261 -2.88 17.28 -17.13
N PHE B 262 -4.01 16.57 -17.18
CA PHE B 262 -4.88 16.39 -16.00
C PHE B 262 -4.12 15.67 -14.89
N LEU B 263 -3.32 14.67 -15.25
CA LEU B 263 -2.52 13.91 -14.25
C LEU B 263 -1.45 14.81 -13.62
N ILE B 264 -0.77 15.62 -14.41
CA ILE B 264 0.20 16.62 -13.88
C ILE B 264 -0.56 17.51 -12.87
N ALA B 265 -1.72 18.04 -13.24
CA ALA B 265 -2.48 18.99 -12.40
C ALA B 265 -2.86 18.32 -11.07
N GLY B 266 -3.50 17.16 -11.11
CA GLY B 266 -3.93 16.47 -9.89
C GLY B 266 -2.76 16.12 -8.98
N HIS B 267 -1.65 15.63 -9.53
CA HIS B 267 -0.43 15.28 -8.77
C HIS B 267 0.17 16.54 -8.11
N GLU B 268 0.30 17.61 -8.87
CA GLU B 268 1.09 18.79 -8.43
C GLU B 268 0.29 19.77 -7.56
N THR B 269 -0.98 20.02 -7.86
CA THR B 269 -1.67 21.23 -7.34
C THR B 269 -2.52 20.95 -6.12
N THR B 270 -3.61 20.21 -6.27
CA THR B 270 -4.60 20.08 -5.20
C THR B 270 -3.92 19.50 -3.96
N SER B 271 -2.97 18.58 -4.13
CA SER B 271 -2.18 18.00 -3.02
C SER B 271 -1.42 19.10 -2.26
N GLY B 272 -0.85 20.06 -2.96
CA GLY B 272 -0.15 21.19 -2.35
C GLY B 272 -1.11 22.02 -1.53
N LEU B 273 -2.26 22.33 -2.12
CA LEU B 273 -3.30 23.15 -1.44
C LEU B 273 -3.70 22.45 -0.14
N LEU B 274 -4.04 21.17 -0.22
CA LEU B 274 -4.49 20.44 0.99
C LEU B 274 -3.36 20.44 2.03
N SER B 275 -2.12 20.30 1.59
CA SER B 275 -0.95 20.22 2.50
C SER B 275 -0.79 21.56 3.21
N PHE B 276 -0.79 22.66 2.46
CA PHE B 276 -0.70 24.00 3.07
C PHE B 276 -1.91 24.27 3.98
N ALA B 277 -3.11 23.89 3.55
CA ALA B 277 -4.33 24.10 4.37
C ALA B 277 -4.16 23.41 5.73
N LEU B 278 -3.73 22.14 5.75
CA LEU B 278 -3.58 21.41 7.02
C LEU B 278 -2.44 22.06 7.83
N TYR B 279 -1.40 22.52 7.17
CA TYR B 279 -0.29 23.25 7.83
C TYR B 279 -0.89 24.45 8.58
N PHE B 280 -1.65 25.28 7.90
CA PHE B 280 -2.15 26.53 8.52
C PHE B 280 -3.15 26.20 9.63
N LEU B 281 -3.96 25.15 9.45
CA LEU B 281 -4.91 24.73 10.50
C LEU B 281 -4.15 24.31 11.75
N VAL B 282 -3.09 23.51 11.65
CA VAL B 282 -2.42 23.01 12.89
C VAL B 282 -1.66 24.16 13.52
N LYS B 283 -1.26 25.19 12.75
CA LYS B 283 -0.56 26.36 13.31
C LYS B 283 -1.55 27.38 13.88
N ASN B 284 -2.85 27.23 13.63
CA ASN B 284 -3.87 28.22 14.00
C ASN B 284 -5.06 27.47 14.59
N PRO B 285 -4.92 26.95 15.83
CA PRO B 285 -5.95 26.10 16.42
C PRO B 285 -7.34 26.75 16.49
N HIS B 286 -7.46 28.08 16.59
CA HIS B 286 -8.80 28.72 16.59
C HIS B 286 -9.49 28.43 15.25
N VAL B 287 -8.72 28.54 14.16
CA VAL B 287 -9.23 28.29 12.79
C VAL B 287 -9.59 26.80 12.68
N LEU B 288 -8.72 25.91 13.16
CA LEU B 288 -8.98 24.45 13.09
C LEU B 288 -10.32 24.15 13.80
N GLN B 289 -10.55 24.73 14.98
CA GLN B 289 -11.80 24.46 15.73
C GLN B 289 -13.00 24.95 14.91
N LYS B 290 -12.91 26.14 14.33
CA LYS B 290 -14.04 26.72 13.57
C LYS B 290 -14.33 25.85 12.35
N ALA B 291 -13.29 25.40 11.67
CA ALA B 291 -13.44 24.52 10.48
C ALA B 291 -14.00 23.16 10.90
N ALA B 292 -13.50 22.60 12.01
CA ALA B 292 -13.93 21.28 12.52
C ALA B 292 -15.41 21.36 12.91
N GLU B 293 -15.82 22.48 13.51
CA GLU B 293 -17.24 22.65 13.94
C GLU B 293 -18.13 22.52 12.70
N GLU B 294 -17.74 23.22 11.63
CA GLU B 294 -18.53 23.26 10.39
C GLU B 294 -18.58 21.86 9.81
N ALA B 295 -17.45 21.16 9.79
CA ALA B 295 -17.38 19.79 9.23
C ALA B 295 -18.36 18.90 10.00
N ALA B 296 -18.33 18.96 11.32
CA ALA B 296 -19.16 18.12 12.21
C ALA B 296 -20.63 18.45 11.95
N ARG B 297 -20.97 19.72 11.82
CA ARG B 297 -22.39 20.15 11.70
C ARG B 297 -22.94 19.80 10.31
N VAL B 298 -22.10 19.91 9.28
CA VAL B 298 -22.57 19.81 7.87
C VAL B 298 -22.55 18.34 7.43
N LEU B 299 -21.46 17.63 7.70
CA LEU B 299 -21.22 16.28 7.15
C LEU B 299 -21.87 15.25 8.08
N VAL B 300 -23.20 15.21 8.11
CA VAL B 300 -23.99 14.40 9.08
C VAL B 300 -24.13 12.95 8.64
N ASP B 301 -23.72 12.59 7.41
CA ASP B 301 -23.86 11.21 6.88
C ASP B 301 -22.48 10.55 6.77
N PRO B 302 -22.40 9.21 6.84
CA PRO B 302 -21.12 8.53 6.72
C PRO B 302 -20.38 8.86 5.41
N VAL B 303 -21.15 9.07 4.33
CA VAL B 303 -20.70 9.49 2.98
C VAL B 303 -21.10 10.95 2.78
N PRO B 304 -20.17 11.91 2.59
CA PRO B 304 -20.56 13.26 2.19
C PRO B 304 -21.29 13.26 0.83
N SER B 305 -22.37 14.01 0.76
CA SER B 305 -23.10 14.32 -0.49
C SER B 305 -22.46 15.53 -1.17
N TYR B 306 -22.72 15.68 -2.46
CA TYR B 306 -22.33 16.88 -3.22
C TYR B 306 -22.90 18.12 -2.51
N LYS B 307 -24.18 18.09 -2.14
CA LYS B 307 -24.87 19.27 -1.56
C LYS B 307 -24.24 19.63 -0.22
N GLN B 308 -23.82 18.65 0.58
CA GLN B 308 -23.13 18.90 1.87
C GLN B 308 -21.78 19.57 1.63
N VAL B 309 -21.01 19.11 0.65
CA VAL B 309 -19.70 19.74 0.35
C VAL B 309 -19.92 21.24 0.04
N LYS B 310 -20.98 21.58 -0.69
CA LYS B 310 -21.24 22.99 -1.08
C LYS B 310 -21.52 23.83 0.16
N GLN B 311 -21.94 23.22 1.27
CA GLN B 311 -22.28 23.96 2.50
C GLN B 311 -21.02 24.24 3.33
N LEU B 312 -19.86 23.68 2.97
CA LEU B 312 -18.63 23.86 3.81
C LEU B 312 -17.98 25.19 3.50
N LYS B 313 -18.67 26.27 3.84
CA LYS B 313 -18.28 27.66 3.49
C LYS B 313 -16.93 27.98 4.14
N TYR B 314 -16.81 27.75 5.44
CA TYR B 314 -15.59 28.08 6.21
C TYR B 314 -14.42 27.20 5.72
N VAL B 315 -14.65 25.93 5.44
CA VAL B 315 -13.58 25.06 4.84
C VAL B 315 -13.11 25.70 3.53
N GLY B 316 -14.04 26.16 2.68
CA GLY B 316 -13.74 26.94 1.46
C GLY B 316 -12.91 28.17 1.77
N MET B 317 -13.22 28.90 2.86
CA MET B 317 -12.45 30.11 3.24
C MET B 317 -11.03 29.73 3.68
N VAL B 318 -10.88 28.63 4.41
CA VAL B 318 -9.56 28.07 4.79
C VAL B 318 -8.73 27.79 3.52
N LEU B 319 -9.35 27.14 2.54
CA LEU B 319 -8.66 26.79 1.28
C LEU B 319 -8.27 28.07 0.55
N ASN B 320 -9.17 29.06 0.45
CA ASN B 320 -8.80 30.32 -0.24
C ASN B 320 -7.65 30.99 0.51
N GLU B 321 -7.67 30.99 1.83
CA GLU B 321 -6.63 31.72 2.60
C GLU B 321 -5.28 30.98 2.46
N ALA B 322 -5.32 29.64 2.36
CA ALA B 322 -4.13 28.82 2.07
C ALA B 322 -3.58 29.17 0.68
N LEU B 323 -4.46 29.24 -0.32
CA LEU B 323 -4.10 29.67 -1.69
C LEU B 323 -3.57 31.09 -1.68
N ARG B 324 -4.05 31.94 -0.77
CA ARG B 324 -3.58 33.33 -0.77
C ARG B 324 -2.11 33.33 -0.35
N LEU B 325 -1.79 32.73 0.79
CA LEU B 325 -0.40 32.78 1.28
C LEU B 325 0.52 31.90 0.45
N TRP B 326 0.08 30.69 0.06
CA TRP B 326 0.98 29.76 -0.68
C TRP B 326 0.22 29.20 -1.88
N PRO B 327 0.05 30.03 -2.93
CA PRO B 327 -0.64 29.58 -4.14
C PRO B 327 0.23 28.48 -4.77
N THR B 328 -0.24 27.25 -4.64
CA THR B 328 0.59 26.05 -4.92
C THR B 328 1.08 26.12 -6.37
N ALA B 329 0.25 26.61 -7.30
CA ALA B 329 0.71 27.02 -8.64
C ALA B 329 1.11 28.48 -8.58
N PRO B 330 2.41 28.82 -8.50
CA PRO B 330 2.80 30.15 -8.01
C PRO B 330 3.09 31.23 -9.06
N ALA B 331 2.94 30.91 -10.34
CA ALA B 331 3.24 31.89 -11.39
C ALA B 331 2.51 31.53 -12.68
N PHE B 332 2.26 32.55 -13.49
CA PHE B 332 1.82 32.37 -14.89
C PHE B 332 2.43 33.49 -15.69
N SER B 333 2.53 33.23 -16.99
CA SER B 333 3.35 34.04 -17.91
C SER B 333 2.43 34.68 -18.96
N LEU B 334 2.75 35.91 -19.33
CA LEU B 334 1.97 36.70 -20.31
C LEU B 334 2.93 37.26 -21.34
N TYR B 335 2.42 37.55 -22.55
CA TYR B 335 3.19 38.36 -23.53
C TYR B 335 2.31 39.52 -23.97
N ALA B 336 2.98 40.64 -24.29
CA ALA B 336 2.36 41.85 -24.85
C ALA B 336 1.92 41.56 -26.30
N LYS B 337 0.64 41.69 -26.57
CA LYS B 337 0.07 41.42 -27.92
C LYS B 337 0.56 42.52 -28.86
N GLU B 338 0.70 43.74 -28.34
CA GLU B 338 1.23 44.91 -29.10
C GLU B 338 2.15 45.71 -28.18
N ASP B 339 2.94 46.60 -28.78
CA ASP B 339 3.60 47.71 -28.05
C ASP B 339 2.57 48.29 -27.08
N THR B 340 2.96 48.50 -25.83
CA THR B 340 2.05 49.08 -24.82
C THR B 340 2.90 49.59 -23.66
N VAL B 341 2.28 50.41 -22.82
CA VAL B 341 2.91 50.99 -21.61
C VAL B 341 2.18 50.41 -20.40
N LEU B 342 2.92 49.71 -19.56
CA LEU B 342 2.40 49.13 -18.30
C LEU B 342 2.49 50.17 -17.18
N GLY B 343 1.36 50.45 -16.52
CA GLY B 343 1.28 51.29 -15.32
C GLY B 343 1.70 52.73 -15.60
N GLY B 344 1.56 53.17 -16.86
CA GLY B 344 1.97 54.49 -17.35
C GLY B 344 3.46 54.75 -17.20
N GLU B 345 4.26 53.73 -16.91
CA GLU B 345 5.68 53.92 -16.49
C GLU B 345 6.62 52.99 -17.25
N TYR B 346 6.16 51.82 -17.69
CA TYR B 346 7.04 50.76 -18.21
C TYR B 346 6.64 50.41 -19.64
N PRO B 347 7.34 50.98 -20.66
CA PRO B 347 7.07 50.65 -22.05
C PRO B 347 7.46 49.20 -22.34
N LEU B 348 6.55 48.48 -22.99
CA LEU B 348 6.79 47.09 -23.46
C LEU B 348 6.66 47.05 -24.98
N GLU B 349 7.52 46.26 -25.62
CA GLU B 349 7.44 45.93 -27.06
C GLU B 349 6.52 44.72 -27.22
N LYS B 350 5.76 44.69 -28.31
CA LYS B 350 5.05 43.48 -28.78
C LYS B 350 5.95 42.28 -28.50
N GLY B 351 5.40 41.26 -27.83
CA GLY B 351 6.12 40.00 -27.57
C GLY B 351 6.84 39.97 -26.23
N ASP B 352 6.98 41.12 -25.55
CA ASP B 352 7.68 41.16 -24.22
C ASP B 352 6.96 40.22 -23.23
N GLU B 353 7.77 39.46 -22.48
CA GLU B 353 7.29 38.40 -21.56
C GLU B 353 7.20 38.96 -20.14
N LEU B 354 6.08 38.67 -19.47
CA LEU B 354 5.82 39.04 -18.06
C LEU B 354 5.61 37.76 -17.27
N MET B 355 6.12 37.69 -16.05
CA MET B 355 5.83 36.59 -15.12
C MET B 355 5.09 37.21 -13.95
N VAL B 356 3.91 36.69 -13.65
CA VAL B 356 3.11 37.10 -12.48
C VAL B 356 3.56 36.25 -11.30
N LEU B 357 4.11 36.88 -10.25
N LEU B 357 4.11 36.88 -10.25
CA LEU B 357 4.50 36.22 -8.98
CA LEU B 357 4.49 36.17 -9.01
C LEU B 357 3.28 36.18 -8.07
C LEU B 357 3.27 36.18 -8.08
N ILE B 358 2.49 35.10 -8.14
CA ILE B 358 1.20 35.04 -7.44
C ILE B 358 1.44 35.22 -5.94
N PRO B 359 2.46 34.60 -5.27
CA PRO B 359 2.64 34.78 -3.83
C PRO B 359 2.84 36.26 -3.47
N GLN B 360 3.48 37.04 -4.38
CA GLN B 360 3.70 38.48 -4.13
C GLN B 360 2.39 39.24 -4.31
N LEU B 361 1.65 38.98 -5.38
CA LEU B 361 0.31 39.59 -5.57
C LEU B 361 -0.49 39.43 -4.27
N HIS B 362 -0.48 38.23 -3.73
CA HIS B 362 -1.33 37.85 -2.56
C HIS B 362 -0.79 38.49 -1.28
N ARG B 363 0.35 39.17 -1.34
CA ARG B 363 0.97 39.88 -0.21
C ARG B 363 0.97 41.40 -0.43
N ASP B 364 0.27 41.89 -1.44
CA ASP B 364 0.22 43.33 -1.78
C ASP B 364 -0.57 44.05 -0.67
N LYS B 365 0.14 44.72 0.24
CA LYS B 365 -0.47 45.39 1.42
C LYS B 365 -1.45 46.47 0.97
N THR B 366 -1.29 47.02 -0.22
CA THR B 366 -2.19 48.08 -0.74
C THR B 366 -3.60 47.48 -0.94
N ILE B 367 -3.71 46.17 -1.12
CA ILE B 367 -5.01 45.46 -1.30
C ILE B 367 -5.44 44.82 0.02
N TRP B 368 -4.55 44.07 0.65
CA TRP B 368 -4.93 43.13 1.73
C TRP B 368 -4.82 43.80 3.11
N GLY B 369 -4.15 44.95 3.18
CA GLY B 369 -3.87 45.63 4.46
C GLY B 369 -2.57 45.12 5.05
N ASP B 370 -2.27 45.55 6.28
CA ASP B 370 -0.92 45.37 6.90
C ASP B 370 -0.73 43.93 7.37
N ASP B 371 -1.80 43.17 7.66
CA ASP B 371 -1.75 41.83 8.31
C ASP B 371 -1.58 40.70 7.26
N VAL B 372 -0.88 40.96 6.16
CA VAL B 372 -0.90 40.10 4.94
C VAL B 372 -0.28 38.72 5.24
N GLU B 373 0.62 38.62 6.22
CA GLU B 373 1.36 37.36 6.54
C GLU B 373 0.51 36.49 7.48
N GLU B 374 -0.58 37.02 8.03
CA GLU B 374 -1.42 36.30 9.01
C GLU B 374 -2.41 35.42 8.25
N PHE B 375 -2.61 34.22 8.75
CA PHE B 375 -3.58 33.25 8.22
C PHE B 375 -4.92 33.57 8.87
N ARG B 376 -5.81 34.19 8.08
N ARG B 376 -5.80 34.21 8.10
CA ARG B 376 -7.13 34.68 8.53
CA ARG B 376 -7.13 34.67 8.57
C ARG B 376 -8.16 34.33 7.46
C ARG B 376 -8.16 34.34 7.49
N PRO B 377 -8.77 33.13 7.53
CA PRO B 377 -9.82 32.76 6.57
C PRO B 377 -10.98 33.75 6.51
N GLU B 378 -11.22 34.47 7.61
CA GLU B 378 -12.33 35.45 7.70
C GLU B 378 -12.15 36.54 6.63
N ARG B 379 -10.94 36.74 6.09
CA ARG B 379 -10.72 37.66 4.93
C ARG B 379 -11.67 37.32 3.78
N PHE B 380 -12.05 36.06 3.67
CA PHE B 380 -12.82 35.51 2.53
C PHE B 380 -14.27 35.25 2.94
N GLU B 381 -14.70 35.79 4.09
N GLU B 381 -14.66 35.80 4.10
CA GLU B 381 -16.06 35.50 4.64
CA GLU B 381 -15.99 35.69 4.76
C GLU B 381 -17.10 36.08 3.67
C GLU B 381 -17.09 36.14 3.80
N ASN B 382 -16.86 37.29 3.17
CA ASN B 382 -17.74 37.94 2.18
C ASN B 382 -16.94 37.98 0.88
N PRO B 383 -17.16 37.05 -0.07
CA PRO B 383 -16.32 37.01 -1.28
C PRO B 383 -16.44 38.30 -2.09
N SER B 384 -17.52 39.08 -1.87
CA SER B 384 -17.76 40.41 -2.49
C SER B 384 -16.66 41.41 -2.08
N ALA B 385 -16.06 41.23 -0.90
CA ALA B 385 -14.99 42.09 -0.35
C ALA B 385 -13.71 42.05 -1.22
N ILE B 386 -13.46 40.97 -1.98
CA ILE B 386 -12.13 40.76 -2.66
C ILE B 386 -12.10 41.56 -3.95
N PRO B 387 -11.19 42.56 -4.10
CA PRO B 387 -11.08 43.33 -5.34
C PRO B 387 -10.68 42.48 -6.55
N GLN B 388 -11.11 42.91 -7.74
CA GLN B 388 -10.78 42.25 -9.02
C GLN B 388 -9.26 42.19 -9.18
N HIS B 389 -8.74 41.02 -9.54
CA HIS B 389 -7.32 40.78 -9.91
C HIS B 389 -6.41 40.82 -8.69
N ALA B 390 -6.93 40.87 -7.46
CA ALA B 390 -6.14 40.81 -6.22
C ALA B 390 -5.76 39.35 -5.89
N PHE B 391 -6.58 38.40 -6.29
CA PHE B 391 -6.48 36.97 -5.87
C PHE B 391 -6.58 36.11 -7.12
N LYS B 392 -5.47 35.47 -7.51
N LYS B 392 -5.48 35.47 -7.51
CA LYS B 392 -5.36 34.79 -8.82
CA LYS B 392 -5.36 34.79 -8.82
C LYS B 392 -4.67 33.45 -8.70
C LYS B 392 -4.66 33.45 -8.70
N PRO B 393 -5.07 32.58 -7.74
CA PRO B 393 -4.44 31.27 -7.61
C PRO B 393 -4.73 30.35 -8.80
N PHE B 394 -5.73 30.69 -9.61
CA PHE B 394 -6.16 29.85 -10.76
C PHE B 394 -5.86 30.56 -12.06
N GLY B 395 -4.97 31.56 -12.02
CA GLY B 395 -4.59 32.28 -13.25
C GLY B 395 -5.66 33.25 -13.70
N ASN B 396 -5.77 33.48 -15.01
CA ASN B 396 -6.54 34.65 -15.51
C ASN B 396 -7.32 34.34 -16.77
N GLY B 397 -8.54 34.85 -16.81
CA GLY B 397 -9.35 35.01 -18.03
C GLY B 397 -9.64 33.68 -18.67
N GLN B 398 -9.65 33.64 -19.99
CA GLN B 398 -10.00 32.40 -20.74
C GLN B 398 -8.89 31.35 -20.55
N ARG B 399 -7.68 31.76 -20.12
CA ARG B 399 -6.56 30.81 -19.86
C ARG B 399 -6.47 30.50 -18.36
N ALA B 400 -7.52 30.78 -17.60
CA ALA B 400 -7.59 30.40 -16.17
C ALA B 400 -7.74 28.87 -16.09
N CYS B 401 -7.51 28.35 -14.91
CA CYS B 401 -7.54 26.92 -14.63
C CYS B 401 -8.91 26.34 -14.99
N ILE B 402 -8.98 25.41 -15.93
CA ILE B 402 -10.27 24.75 -16.26
C ILE B 402 -10.70 23.85 -15.09
N GLY B 403 -9.73 23.40 -14.30
CA GLY B 403 -9.92 22.46 -13.19
C GLY B 403 -10.29 23.12 -11.87
N GLN B 404 -10.61 24.41 -11.85
CA GLN B 404 -10.77 25.13 -10.57
C GLN B 404 -11.92 24.53 -9.75
N GLN B 405 -13.08 24.30 -10.37
N GLN B 405 -13.09 24.33 -10.37
CA GLN B 405 -14.27 23.75 -9.65
CA GLN B 405 -14.28 23.75 -9.69
C GLN B 405 -13.97 22.34 -9.18
C GLN B 405 -13.91 22.36 -9.16
N PHE B 406 -13.26 21.55 -10.00
CA PHE B 406 -12.82 20.18 -9.66
C PHE B 406 -11.92 20.22 -8.42
N ALA B 407 -10.86 21.02 -8.48
CA ALA B 407 -9.84 21.12 -7.42
C ALA B 407 -10.49 21.55 -6.11
N LEU B 408 -11.36 22.56 -6.17
CA LEU B 408 -11.97 23.10 -4.93
C LEU B 408 -13.01 22.12 -4.39
N HIS B 409 -13.71 21.39 -5.26
CA HIS B 409 -14.70 20.39 -4.78
C HIS B 409 -13.94 19.28 -4.06
N GLU B 410 -12.93 18.73 -4.72
CA GLU B 410 -12.10 17.70 -4.09
C GLU B 410 -11.52 18.21 -2.76
N ALA B 411 -10.85 19.36 -2.76
CA ALA B 411 -10.14 19.87 -1.57
C ALA B 411 -11.13 20.14 -0.43
N THR B 412 -12.32 20.65 -0.75
CA THR B 412 -13.37 20.94 0.27
C THR B 412 -13.89 19.62 0.85
N LEU B 413 -14.21 18.65 -0.01
CA LEU B 413 -14.68 17.32 0.45
C LEU B 413 -13.64 16.70 1.37
N VAL B 414 -12.40 16.62 0.90
CA VAL B 414 -11.31 15.91 1.60
C VAL B 414 -11.02 16.62 2.93
N LEU B 415 -10.85 17.94 2.90
CA LEU B 415 -10.53 18.66 4.14
C LEU B 415 -11.72 18.53 5.10
N GLY B 416 -12.95 18.63 4.61
CA GLY B 416 -14.14 18.42 5.44
C GLY B 416 -14.14 17.06 6.12
N MET B 417 -13.83 15.99 5.37
CA MET B 417 -13.76 14.63 5.94
C MET B 417 -12.61 14.53 6.95
N MET B 418 -11.45 15.10 6.64
CA MET B 418 -10.28 15.08 7.56
C MET B 418 -10.68 15.73 8.90
N LEU B 419 -11.35 16.88 8.86
CA LEU B 419 -11.71 17.64 10.08
C LEU B 419 -12.87 16.98 10.81
N LYS B 420 -13.76 16.30 10.09
CA LYS B 420 -14.84 15.50 10.73
C LYS B 420 -14.25 14.32 11.52
N HIS B 421 -13.29 13.61 10.94
CA HIS B 421 -12.90 12.26 11.43
C HIS B 421 -11.72 12.30 12.40
N PHE B 422 -10.92 13.36 12.44
CA PHE B 422 -9.68 13.41 13.26
C PHE B 422 -9.47 14.77 13.91
N ASP B 423 -8.85 14.72 15.10
CA ASP B 423 -8.06 15.82 15.69
C ASP B 423 -6.63 15.70 15.16
N PHE B 424 -5.96 16.84 15.03
CA PHE B 424 -4.61 16.91 14.46
C PHE B 424 -3.67 17.53 15.49
N GLU B 425 -2.47 16.98 15.58
CA GLU B 425 -1.38 17.48 16.44
C GLU B 425 -0.17 17.78 15.55
N ASP B 426 0.36 19.00 15.66
CA ASP B 426 1.66 19.38 15.08
C ASP B 426 2.73 18.88 16.06
N HIS B 427 2.96 17.58 16.11
CA HIS B 427 3.74 16.92 17.19
C HIS B 427 5.22 17.30 17.10
N THR B 428 5.72 17.75 15.95
CA THR B 428 7.15 18.10 15.76
C THR B 428 7.36 19.62 15.81
N ASN B 429 6.30 20.40 16.01
CA ASN B 429 6.35 21.87 15.83
C ASN B 429 7.06 22.15 14.49
N TYR B 430 6.45 21.67 13.40
CA TYR B 430 7.04 21.62 12.05
C TYR B 430 7.41 23.04 11.60
N GLU B 431 8.63 23.17 11.08
CA GLU B 431 9.14 24.42 10.48
C GLU B 431 8.89 24.35 8.97
N LEU B 432 8.04 25.24 8.48
CA LEU B 432 7.65 25.26 7.05
C LEU B 432 8.91 25.27 6.16
N ASP B 433 8.99 24.28 5.30
CA ASP B 433 10.08 24.08 4.31
C ASP B 433 9.37 23.80 2.98
N ILE B 434 9.49 24.68 2.01
CA ILE B 434 8.66 24.58 0.79
C ILE B 434 9.50 24.05 -0.37
N LYS B 435 9.17 22.87 -0.83
CA LYS B 435 9.81 22.20 -1.98
C LYS B 435 9.11 22.68 -3.27
N GLU B 436 9.88 22.91 -4.33
CA GLU B 436 9.34 23.42 -5.62
C GLU B 436 9.50 22.36 -6.69
N THR B 437 8.41 22.05 -7.39
CA THR B 437 8.38 21.26 -8.64
C THR B 437 7.85 22.20 -9.72
N LEU B 438 6.76 21.85 -10.42
CA LEU B 438 5.92 22.91 -11.07
C LEU B 438 5.25 23.74 -9.97
N THR B 439 5.08 23.14 -8.79
CA THR B 439 4.26 23.73 -7.70
C THR B 439 5.05 23.81 -6.40
N LEU B 440 4.42 24.42 -5.41
CA LEU B 440 4.93 24.56 -4.03
C LEU B 440 4.22 23.53 -3.16
N LYS B 441 4.99 22.79 -2.37
CA LYS B 441 4.43 21.89 -1.33
C LYS B 441 5.27 22.00 -0.08
N PRO B 442 4.68 21.79 1.13
N PRO B 442 4.64 21.86 1.11
CA PRO B 442 5.46 21.82 2.37
CA PRO B 442 5.42 21.71 2.33
C PRO B 442 6.18 20.51 2.70
C PRO B 442 6.21 20.42 2.09
N GLU B 443 7.49 20.46 2.40
CA GLU B 443 8.31 19.22 2.44
C GLU B 443 8.48 18.81 3.90
N GLY B 444 8.28 17.53 4.18
CA GLY B 444 8.56 16.96 5.51
C GLY B 444 7.48 17.32 6.51
N PHE B 445 6.37 17.89 6.06
CA PHE B 445 5.26 18.25 6.95
C PHE B 445 4.64 16.94 7.44
N VAL B 446 4.65 16.75 8.77
CA VAL B 446 4.09 15.55 9.44
C VAL B 446 3.17 16.02 10.57
N VAL B 447 2.14 15.22 10.85
CA VAL B 447 1.20 15.47 11.97
C VAL B 447 0.84 14.11 12.56
N LYS B 448 0.25 14.13 13.74
CA LYS B 448 -0.45 12.96 14.28
C LYS B 448 -1.93 13.29 14.24
N ALA B 449 -2.73 12.28 13.93
CA ALA B 449 -4.19 12.36 13.93
C ALA B 449 -4.66 11.54 15.12
N LYS B 450 -5.66 12.04 15.84
CA LYS B 450 -6.37 11.24 16.85
C LYS B 450 -7.79 11.06 16.32
N SER B 451 -8.19 9.83 16.06
CA SER B 451 -9.52 9.54 15.50
C SER B 451 -10.58 10.07 16.48
N LYS B 452 -11.61 10.69 15.92
CA LYS B 452 -12.85 11.00 16.67
C LYS B 452 -13.77 9.77 16.68
N LYS B 453 -13.34 8.67 16.03
CA LYS B 453 -14.01 7.34 16.07
C LYS B 453 -15.43 7.49 15.51
N ILE B 454 -15.57 8.21 14.40
CA ILE B 454 -16.86 8.37 13.68
C ILE B 454 -16.83 7.39 12.51
N PRO B 455 -17.73 6.37 12.49
CA PRO B 455 -17.70 5.36 11.42
C PRO B 455 -18.03 5.96 10.05
N LEU B 456 -17.47 5.35 9.02
CA LEU B 456 -17.77 5.63 7.59
C LEU B 456 -18.87 4.67 7.13
CHA HEM C . 2.10 -25.65 16.42
CHA HEM C . 2.05 -25.63 16.49
CHB HEM C . 0.75 -25.99 11.79
CHB HEM C . 0.29 -21.10 16.62
CHC HEM C . -1.55 -21.69 12.13
CHC HEM C . -1.49 -21.65 12.12
CHD HEM C . 0.28 -21.17 16.58
CHD HEM C . 0.82 -25.93 11.83
C1A HEM C . 1.89 -26.11 15.13
C1A HEM C . 1.70 -24.35 16.88
C2A HEM C . 2.36 -27.35 14.67
C2A HEM C . 2.04 -23.81 18.15
C3A HEM C . 1.99 -27.45 13.36
C3A HEM C . 1.53 -22.55 18.19
C4A HEM C . 1.30 -26.27 13.03
C4A HEM C . 0.92 -22.29 16.94
CMA HEM C . 2.25 -28.59 12.41
CMA HEM C . 1.66 -21.56 19.33
CAA HEM C . 3.12 -28.41 15.44
CAA HEM C . 2.76 -24.52 19.27
CBA HEM C . 4.62 -28.11 15.39
CBA HEM C . 1.69 -25.21 20.13
CGA HEM C . 5.50 -29.14 16.04
CGA HEM C . 2.24 -25.96 21.32
O1A HEM C . 6.73 -28.88 16.09
O1A HEM C . 3.17 -26.78 21.17
O2A HEM C . 5.05 -30.22 16.51
O2A HEM C . 1.79 -25.74 22.46
C1B HEM C . 0.00 -24.84 11.50
C1B HEM C . -0.35 -20.90 15.40
C2B HEM C . -0.64 -24.62 10.25
C2B HEM C . -1.06 -19.70 15.09
C3B HEM C . -1.28 -23.42 10.33
C3B HEM C . -1.59 -19.86 13.85
C4B HEM C . -1.04 -22.91 11.70
C4B HEM C . -1.16 -21.19 13.39
CMB HEM C . -0.59 -25.54 9.06
CMB HEM C . -1.20 -18.49 15.97
CAB HEM C . -2.15 -22.71 9.36
CAB HEM C . -2.30 -18.90 12.98
CBB HEM C . -2.64 -23.33 8.29
CBB HEM C . -2.15 -17.60 13.23
C1C HEM C . -1.26 -21.14 13.36
C1C HEM C . -1.02 -22.86 11.62
C2C HEM C . -1.70 -19.91 13.88
C2C HEM C . -1.31 -23.41 10.37
C3C HEM C . -1.17 -19.77 15.14
C3C HEM C . -0.64 -24.62 10.29
C4C HEM C . -0.39 -20.93 15.41
C4C HEM C . 0.06 -24.81 11.51
CMC HEM C . -2.58 -18.91 13.15
CMC HEM C . -2.19 -22.75 9.35
CAC HEM C . -1.33 -18.69 16.13
CAC HEM C . -0.61 -25.62 9.22
CBC HEM C . -2.14 -17.65 15.93
CBC HEM C . -1.35 -25.53 8.12
C1D HEM C . 0.91 -22.39 16.84
C1D HEM C . 1.31 -26.14 13.12
C2D HEM C . 1.52 -22.62 18.15
C2D HEM C . 2.03 -27.39 13.42
C3D HEM C . 2.04 -23.86 18.09
C3D HEM C . 2.36 -27.31 14.72
C4D HEM C . 1.70 -24.35 16.79
C4D HEM C . 1.84 -26.03 15.17
CMD HEM C . 1.60 -21.64 19.30
CMD HEM C . 2.30 -28.50 12.44
CAD HEM C . 2.75 -24.56 19.24
CAD HEM C . 3.12 -28.36 15.50
CBD HEM C . 1.69 -25.23 20.11
CBD HEM C . 4.62 -28.11 15.39
CGD HEM C . 2.24 -25.96 21.31
CGD HEM C . 5.50 -29.15 16.04
O1D HEM C . 3.17 -26.78 21.17
O1D HEM C . 6.73 -28.88 16.09
O2D HEM C . 1.78 -25.75 22.46
O2D HEM C . 5.05 -30.21 16.52
NA HEM C . 1.24 -25.42 14.12
NA HEM C . 1.01 -23.41 16.15
NB HEM C . -0.27 -23.81 12.31
NB HEM C . -0.45 -21.75 14.38
NC HEM C . -0.49 -21.74 14.32
NC HEM C . -0.21 -23.72 12.29
ND HEM C . 1.02 -23.47 16.04
ND HEM C . 1.22 -25.34 14.19
FE HEM C . 0.39 -23.63 14.29
FE HEM C . 0.38 -23.66 14.27
C1 GKX D . 8.53 -27.16 10.06
C2 GKX D . 9.25 -26.05 10.80
C4 GKX D . 11.43 -26.97 10.00
C5 GKX D . 10.78 -28.17 9.33
C6 GKX D . 9.36 -27.76 8.91
C7 GKX D . 11.53 -28.61 8.07
C10 GKX D . 15.01 -30.14 7.41
C11 GKX D . 15.08 -31.14 8.56
C12 GKX D . 15.98 -31.63 10.82
C13 GKX D . 16.15 -30.72 12.00
C14 GKX D . 17.18 -32.57 10.71
C15 GKX D . 18.44 -31.79 10.41
C16 GKX D . 19.22 -31.27 11.42
C17 GKX D . 20.38 -30.53 11.14
C18 GKX D . 20.76 -30.35 9.82
O3 GKX D . 16.41 -31.29 13.09
O2 GKX D . 16.02 -29.48 11.84
C20 GKX D . 18.82 -31.61 9.10
C19 GKX D . 19.98 -30.88 8.80
N1 GKX D . 15.78 -30.78 9.65
O1 GKX D . 14.50 -32.21 8.47
C9 GKX D . 13.55 -29.77 7.13
C8 GKX D . 12.95 -29.07 8.34
C3 GKX D . 10.62 -26.53 11.24
CAE QSC E . 4.07 -21.91 14.83
CAT QSC E . 6.07 -24.27 10.80
CAY QSC E . 5.76 -22.91 11.01
CAZ QSC E . 5.56 -25.25 11.66
CBE QSC E . 4.92 -22.53 12.05
CBF QSC E . 4.72 -24.84 12.71
NBR QSC E . 2.20 -22.74 13.52
CCI QSC E . 4.39 -23.50 12.90
CCL QSC E . 3.53 -23.10 14.04
C1 GOL F . 8.13 -34.66 29.06
O1 GOL F . 9.03 -34.85 30.17
C2 GOL F . 6.80 -35.34 29.29
O2 GOL F . 7.03 -36.64 29.84
C3 GOL F . 5.94 -35.42 28.05
O3 GOL F . 5.99 -36.72 27.45
C1 GOL G . 15.44 -24.14 3.19
O1 GOL G . 15.24 -24.35 4.59
C2 GOL G . 15.79 -22.70 2.88
O2 GOL G . 14.80 -21.84 3.45
C3 GOL G . 17.16 -22.31 3.37
O3 GOL G . 17.59 -21.07 2.80
C1 GOL H . -6.37 -26.74 20.72
O1 GOL H . -7.06 -27.98 20.69
C2 GOL H . -7.15 -25.67 19.98
O2 GOL H . -6.74 -24.38 20.40
C3 GOL H . -7.02 -25.79 18.47
O3 GOL H . -7.44 -27.05 18.00
CHA HEM I . -4.41 26.10 -15.71
CHA HEM I . -4.47 26.06 -15.74
CHB HEM I . -3.77 26.47 -10.93
CHB HEM I . -6.25 21.59 -15.17
CHC HEM I . -6.06 22.21 -10.34
CHC HEM I . -6.01 22.16 -10.34
CHD HEM I . -6.23 21.67 -15.15
CHD HEM I . -3.77 26.39 -11.00
C1A HEM I . -4.08 26.57 -14.45
C1A HEM I . -4.98 24.81 -15.96
C2A HEM I . -3.44 27.81 -14.22
C2A HEM I . -5.22 24.29 -17.25
C3A HEM I . -3.26 27.91 -12.88
C3A HEM I . -5.69 23.02 -17.11
C4A HEM I . -3.77 26.73 -12.29
C4A HEM I . -5.77 22.77 -15.71
CMA HEM I . -2.60 29.06 -12.14
CMA HEM I . -6.08 22.04 -18.18
CAA HEM I . -3.04 28.84 -15.25
CAA HEM I . -4.99 25.02 -18.56
CBA HEM I . -1.65 28.51 -15.78
CBA HEM I . -6.27 25.76 -18.93
CGA HEM I . -1.05 29.52 -16.72
CGA HEM I . -6.23 26.46 -20.26
O1A HEM I . 0.04 29.25 -17.27
O1A HEM I . -5.31 27.27 -20.53
O2A HEM I . -1.62 30.61 -16.99
O2A HEM I . -7.13 26.25 -21.11
C1B HEM I . -4.37 25.33 -10.37
C1B HEM I . -6.35 21.40 -13.79
C2B HEM I . -4.43 25.12 -8.97
C2B HEM I . -6.89 20.20 -13.24
C3B HEM I . -5.07 23.94 -8.78
C3B HEM I . -6.83 20.35 -11.89
C4B HEM I . -5.41 23.43 -10.13
C4B HEM I . -6.24 21.68 -11.63
CMB HEM I . -3.91 26.02 -7.88
CMB HEM I . -7.38 19.02 -14.04
CAB HEM I . -5.44 23.28 -7.51
CAB HEM I . -7.17 19.40 -10.80
CBB HEM I . -5.33 23.97 -6.38
CBB HEM I . -7.27 18.10 -11.07
C1C HEM I . -6.31 21.64 -11.58
C1C HEM I . -5.38 23.36 -10.05
C2C HEM I . -6.90 20.40 -11.88
C2C HEM I . -5.13 23.91 -8.79
C3C HEM I . -6.95 20.26 -13.26
C3C HEM I . -4.47 25.11 -9.01
C4C HEM I . -6.37 21.44 -13.80
C4C HEM I . -4.33 25.29 -10.40
CMC HEM I . -7.39 19.41 -10.85
CMC HEM I . -5.49 23.27 -7.48
CAC HEM I . -7.45 19.18 -14.13
CAC HEM I . -4.00 26.15 -8.08
CBC HEM I . -8.02 18.06 -13.69
CBC HEM I . -4.33 26.14 -6.80
C1D HEM I . -5.73 22.89 -15.63
C1D HEM I . -3.82 26.59 -12.37
C2D HEM I . -5.68 23.11 -17.07
C2D HEM I . -3.27 27.84 -12.94
C3D HEM I . -5.21 24.35 -17.21
C3D HEM I . -3.47 27.75 -14.26
C4D HEM I . -4.95 24.83 -15.88
C4D HEM I . -4.13 26.48 -14.45
CMD HEM I . -6.11 22.13 -18.13
CMD HEM I . -2.61 28.96 -12.17
CAD HEM I . -4.98 25.08 -18.52
CAD HEM I . -3.07 28.79 -15.29
CBD HEM I . -6.28 25.77 -18.93
CBD HEM I . -1.64 28.51 -15.77
CGD HEM I . -6.23 26.47 -20.26
CGD HEM I . -1.05 29.52 -16.73
O1D HEM I . -5.31 27.28 -20.54
O1D HEM I . -1.61 30.61 -17.01
O2D HEM I . -7.13 26.25 -21.11
O2D HEM I . 0.05 29.24 -17.27
NA HEM I . -4.27 25.89 -13.25
NA HEM I . -5.33 23.87 -15.02
NB HEM I . -4.93 24.30 -11.00
NB HEM I . -6.01 22.24 -12.81
NC HEM I . -6.03 22.26 -12.77
NC HEM I . -4.90 24.20 -10.99
ND HEM I . -5.28 23.94 -14.94
ND HEM I . -4.34 25.79 -13.31
FE HEM I . -5.14 24.11 -13.07
FE HEM I . -5.14 24.12 -13.05
C1 GKX J . 5.49 26.78 -14.46
C2 GKX J . 4.33 26.42 -13.53
C4 GKX J . 5.38 27.89 -11.79
C5 GKX J . 6.45 28.37 -12.75
C6 GKX J . 6.75 27.22 -13.70
C7 GKX J . 7.68 28.75 -11.93
C10 GKX J . 11.15 30.27 -12.80
C11 GKX J . 10.77 31.28 -13.86
C12 GKX J . 10.61 31.68 -16.29
C13 GKX J . 10.30 30.79 -17.44
C14 GKX J . 11.78 32.63 -16.61
C15 GKX J . 13.02 31.81 -16.87
C16 GKX J . 13.27 31.27 -18.14
C17 GKX J . 14.41 30.53 -18.37
C18 GKX J . 15.30 30.32 -17.35
O3 GKX J . 10.12 31.28 -18.57
O2 GKX J . 10.22 29.57 -17.18
C20 GKX J . 13.92 31.62 -15.86
C19 GKX J . 15.05 30.85 -16.10
N1 GKX J . 10.90 30.86 -15.13
O1 GKX J . 10.29 32.37 -13.54
C9 GKX J . 9.92 29.94 -11.94
C8 GKX J . 8.77 29.39 -12.79
C3 GKX J . 4.10 27.55 -12.54
CAE QSC K . -2.15 22.38 -15.12
CAT QSC K . 1.41 24.56 -12.25
CAY QSC K . 1.04 23.24 -12.27
CAZ QSC K . 0.61 25.54 -12.81
CBE QSC K . -0.12 22.87 -12.88
CBF QSC K . -0.59 25.16 -13.40
NBR QSC K . -3.17 23.10 -13.04
CCI QSC K . -0.94 23.84 -13.44
CCL QSC K . -2.23 23.49 -14.08
C1 GOL L . -4.07 6.71 15.48
O1 GOL L . -3.82 5.55 16.27
C2 GOL L . -5.46 6.69 14.89
O2 GOL L . -5.67 7.81 14.03
C3 GOL L . -6.56 6.61 15.93
O3 GOL L . -6.59 7.72 16.83
C1 GOL M . 11.89 21.30 -9.71
O1 GOL M . 12.09 19.87 -9.78
C2 GOL M . 13.10 22.06 -9.18
O2 GOL M . 14.18 21.91 -10.10
C3 GOL M . 12.84 23.54 -8.91
O3 GOL M . 12.46 24.32 -10.06
#